data_8JL9
#
_entry.id   8JL9
#
_cell.length_a   1.00
_cell.length_b   1.00
_cell.length_c   1.00
_cell.angle_alpha   90.00
_cell.angle_beta   90.00
_cell.angle_gamma   90.00
#
_symmetry.space_group_name_H-M   'P 1'
#
loop_
_entity.id
_entity.type
_entity.pdbx_description
1 polymer 'Histone H3.1'
2 polymer 'Histone H4'
3 polymer 'Histone H2A type 1-B/E'
4 polymer 'Histone H2B type 1-J'
5 polymer 'DNA (193-MER)'
6 polymer 'DNA (193-MER)'
#
loop_
_entity_poly.entity_id
_entity_poly.type
_entity_poly.pdbx_seq_one_letter_code
_entity_poly.pdbx_strand_id
1 'polypeptide(L)'
;GSHMARTKQTARKSTGGKAPRKQLATKAARKSAPATGGVKKPHRYRPGTVALREIRRYQKSTELLIRKLPFQRLVREIAQ
DFKTDLRFQSSAVMALQEACEAYLVGLFEDTNLCAIHAKRVTIMPKDIQLARRIRGERA
;
A,E
2 'polypeptide(L)'
;GSHMSGRGKGGKGLGKGGAKRHRKVLRDNIQGITKPAIRRLARRGGVKRISGLIYEETRGVLKVFLENVIRDAVTYTEHA
KRKTVTAMDVVYALKRQGRTLYGFGG
;
B,F
3 'polypeptide(L)'
;GSHMSGRGKQGGKARAKAKTRSSRAGLQFPVGRVHRLLRKGNYSERVGAGAPVYLAAVLEYLTAEILELAGNAARDNKKT
RIIPRHLQLAIRNDEELNKLLGRVTIAQGGVLPNIQAVLLPKKTESHHKAKGK
;
C,G
4 'polypeptide(L)'
;GSHMPEPAKSAPAPKKGSKKAVTKAQKKDGKKRKRSRKESYSIYVYKVLKQVHPDTGISSKAMGIMNSFVNDIFERIAGE
ASRLAHYNKRSTITSREIQTAVRLLLPGELAKHAVSEGTKAVTKYTSAK
;
D,H
5 'polydeoxyribonucleotide'
;(DA)(DT)(DC)(DA)(DC)(DG)(DT)(DA)(DA)(DT)(DA)(DT)(DT)(DG)(DG)(DC)(DC)(DA)(DG)(DC)
(DT)(DA)(DG)(DG)(DA)(DT)(DC)(DA)(DC)(DA)(DA)(DT)(DC)(DC)(DC)(DG)(DG)(DT)(DG)(DC)
(DC)(DG)(DA)(DG)(DG)(DC)(DC)(DG)(DC)(DT)(DC)(DA)(DA)(DT)(DT)(DG)(DG)(DT)(DC)(DG)
(DT)(DA)(DG)(DA)(DC)(DA)(DG)(DC)(DT)(DC)(DT)(DA)(DG)(DC)(DA)(DC)(DC)(DG)(DC)(DT)
(DT)(DA)(DA)(DA)(DC)(DG)(DC)(DA)(DC)(DG)(DT)(DA)(DC)(DG)(DG)(DA)(DA)(DT)(DC)(DC)
(DG)(DT)(DA)(DC)(DG)(DT)(DG)(DC)(DG)(DT)(DT)(DT)(DA)(DA)(DG)(DC)(DG)(DG)(DT)(DG)
(DC)(DT)(DA)(DG)(DA)(DG)(DC)(DT)(DG)(DT)(DC)(DT)(DA)(DC)(DG)(DA)(DC)(DC)(DA)(DA)
(DT)(DT)(DG)(DA)(DG)(DC)(DG)(DG)(DC)(DC)(DT)(DC)(DG)(DG)(DC)(DA)(DC)(DC)(DG)(DG)
(DG)(DA)(DT)(DT)(DG)(DT)(DG)(DA)(DT)(DC)(DC)(DT)(DA)(DG)(DC)(DT)(DG)(DG)(DC)(DC)
(DA)(DA)(DT)(DA)(DT)(DT)(DA)(DC)(DG)(DT)(DG)(DA)(DT)
;
I
6 'polydeoxyribonucleotide'
;(DA)(DT)(DC)(DA)(DC)(DG)(DT)(DA)(DA)(DT)(DA)(DT)(DT)(DG)(DG)(DC)(DC)(DA)(DG)(DC)
(DT)(DA)(DG)(DG)(DA)(DT)(DC)(DA)(DC)(DA)(DA)(DT)(DC)(DC)(DC)(DG)(DG)(DT)(DG)(DC)
(DC)(DG)(DA)(DG)(DG)(DC)(DC)(DG)(DC)(DT)(DC)(DA)(DA)(DT)(DT)(DG)(DG)(DT)(DC)(DG)
(DT)(DA)(DG)(DA)(DC)(DA)(DG)(DC)(DT)(DC)(DT)(DA)(DG)(DC)(DA)(DC)(DC)(DG)(DC)(DT)
(DT)(DA)(DA)(DA)(DC)(DG)(DC)(DA)(DC)(DG)(DT)(DA)(DC)(DG)(DG)(DA)(DT)(DT)(DC)(DC)
(DG)(DT)(DA)(DC)(DG)(DT)(DG)(DC)(DG)(DT)(DT)(DT)(DA)(DA)(DG)(DC)(DG)(DG)(DT)(DG)
(DC)(DT)(DA)(DG)(DA)(DG)(DC)(DT)(DG)(DT)(DC)(DT)(DA)(DC)(DG)(DA)(DC)(DC)(DA)(DA)
(DT)(DT)(DG)(DA)(DG)(DC)(DG)(DG)(DC)(DC)(DT)(DC)(DG)(DG)(DC)(DA)(DC)(DC)(DG)(DG)
(DG)(DA)(DT)(DT)(DG)(DT)(DG)(DA)(DT)(DC)(DC)(DT)(DA)(DG)(DC)(DT)(DG)(DG)(DC)(DC)
(DA)(DA)(DT)(DA)(DT)(DT)(DA)(DC)(DG)(DT)(DG)(DA)(DT)
;
J
#
loop_
_chem_comp.id
_chem_comp.type
_chem_comp.name
_chem_comp.formula
DA DNA linking 2'-DEOXYADENOSINE-5'-MONOPHOSPHATE 'C10 H14 N5 O6 P'
DC DNA linking 2'-DEOXYCYTIDINE-5'-MONOPHOSPHATE 'C9 H14 N3 O7 P'
DG DNA linking 2'-DEOXYGUANOSINE-5'-MONOPHOSPHATE 'C10 H14 N5 O7 P'
DT DNA linking THYMIDINE-5'-MONOPHOSPHATE 'C10 H15 N2 O8 P'
#
# COMPACT_ATOMS: atom_id res chain seq x y z
N PRO A 42 -33.13 -37.94 23.02
CA PRO A 42 -31.99 -37.85 23.91
C PRO A 42 -31.49 -36.43 24.15
N HIS A 43 -30.18 -36.29 24.33
CA HIS A 43 -29.59 -34.98 24.58
C HIS A 43 -29.45 -34.21 23.28
N ARG A 44 -29.96 -32.97 23.23
CA ARG A 44 -29.79 -32.08 22.09
C ARG A 44 -29.29 -30.73 22.57
N TYR A 45 -28.12 -30.34 22.10
CA TYR A 45 -27.55 -29.03 22.41
C TYR A 45 -28.36 -27.90 21.79
N ARG A 46 -28.53 -26.82 22.55
CA ARG A 46 -29.30 -25.69 22.07
C ARG A 46 -28.56 -25.01 20.91
N PRO A 47 -29.29 -24.52 19.90
CA PRO A 47 -28.64 -23.77 18.82
C PRO A 47 -27.67 -22.72 19.36
N GLY A 48 -26.43 -22.79 18.89
CA GLY A 48 -25.41 -21.85 19.33
C GLY A 48 -24.29 -22.52 20.10
N THR A 49 -24.61 -23.56 20.88
CA THR A 49 -23.59 -24.22 21.69
C THR A 49 -22.53 -24.84 20.80
N VAL A 50 -22.95 -25.63 19.81
CA VAL A 50 -21.98 -26.28 18.94
C VAL A 50 -21.26 -25.26 18.08
N ALA A 51 -21.96 -24.19 17.67
CA ALA A 51 -21.38 -23.14 16.86
C ALA A 51 -20.25 -22.44 17.63
N LEU A 52 -20.42 -22.19 18.93
CA LEU A 52 -19.36 -21.59 19.74
C LEU A 52 -18.24 -22.59 19.99
N ARG A 53 -18.57 -23.87 20.16
CA ARG A 53 -17.52 -24.86 20.34
C ARG A 53 -16.64 -24.94 19.10
N GLU A 54 -17.27 -24.87 17.92
CA GLU A 54 -16.51 -24.91 16.68
C GLU A 54 -15.66 -23.66 16.53
N ILE A 55 -16.19 -22.48 16.87
CA ILE A 55 -15.43 -21.22 16.85
C ILE A 55 -14.18 -21.41 17.68
N ARG A 56 -14.31 -21.87 18.93
CA ARG A 56 -13.14 -22.05 19.79
C ARG A 56 -12.14 -23.03 19.19
N ARG A 57 -12.65 -24.15 18.66
CA ARG A 57 -11.75 -25.18 18.14
C ARG A 57 -10.97 -24.67 16.94
N TYR A 58 -11.65 -24.02 15.99
CA TYR A 58 -10.96 -23.62 14.78
C TYR A 58 -10.09 -22.40 15.03
N GLN A 59 -10.42 -21.58 16.02
CA GLN A 59 -9.59 -20.44 16.35
C GLN A 59 -8.36 -20.86 17.13
N LYS A 60 -8.37 -22.07 17.69
CA LYS A 60 -7.20 -22.54 18.43
C LYS A 60 -6.23 -23.32 17.54
N SER A 61 -6.74 -23.92 16.46
CA SER A 61 -5.96 -24.75 15.54
C SER A 61 -5.42 -23.91 14.40
N THR A 62 -4.44 -24.47 13.67
CA THR A 62 -3.85 -23.76 12.55
C THR A 62 -3.89 -24.52 11.23
N GLU A 63 -4.48 -25.70 11.17
CA GLU A 63 -4.47 -26.48 9.94
C GLU A 63 -5.32 -25.82 8.87
N LEU A 64 -5.03 -26.15 7.61
CA LEU A 64 -5.82 -25.63 6.49
C LEU A 64 -7.19 -26.28 6.47
N LEU A 65 -8.21 -25.49 6.16
CA LEU A 65 -9.59 -25.96 6.24
C LEU A 65 -10.20 -26.32 4.89
N ILE A 66 -9.61 -25.90 3.78
CA ILE A 66 -10.09 -26.28 2.45
C ILE A 66 -9.40 -27.56 2.02
N ARG A 67 -10.14 -28.52 1.49
CA ARG A 67 -9.58 -29.77 0.99
C ARG A 67 -8.59 -29.45 -0.13
N LYS A 68 -7.39 -30.06 -0.13
CA LYS A 68 -6.30 -29.72 -1.03
C LYS A 68 -6.64 -29.99 -2.49
N LEU A 69 -7.10 -31.20 -2.80
CA LEU A 69 -7.36 -31.62 -4.17
C LEU A 69 -8.38 -30.71 -4.88
N PRO A 70 -9.56 -30.39 -4.31
CA PRO A 70 -10.48 -29.42 -4.94
C PRO A 70 -9.86 -28.06 -5.17
N PHE A 71 -9.12 -27.54 -4.19
CA PHE A 71 -8.50 -26.25 -4.36
C PHE A 71 -7.51 -26.28 -5.52
N GLN A 72 -6.70 -27.32 -5.59
CA GLN A 72 -5.75 -27.46 -6.69
C GLN A 72 -6.48 -27.43 -8.03
N ARG A 73 -7.58 -28.19 -8.12
CA ARG A 73 -8.34 -28.21 -9.36
C ARG A 73 -8.82 -26.82 -9.71
N LEU A 74 -9.33 -26.08 -8.73
CA LEU A 74 -9.80 -24.73 -8.97
C LEU A 74 -8.67 -23.85 -9.49
N VAL A 75 -7.52 -23.90 -8.81
CA VAL A 75 -6.37 -23.09 -9.21
C VAL A 75 -6.01 -23.39 -10.66
N ARG A 76 -5.92 -24.68 -11.01
CA ARG A 76 -5.52 -25.03 -12.36
C ARG A 76 -6.56 -24.57 -13.39
N GLU A 77 -7.85 -24.76 -13.10
CA GLU A 77 -8.94 -24.29 -13.95
C GLU A 77 -8.81 -22.79 -14.21
N ILE A 78 -8.55 -22.01 -13.16
CA ILE A 78 -8.47 -20.57 -13.31
C ILE A 78 -7.25 -20.20 -14.13
N ALA A 79 -6.11 -20.84 -13.85
CA ALA A 79 -4.88 -20.50 -14.55
C ALA A 79 -4.99 -20.85 -16.03
N GLN A 80 -5.83 -21.84 -16.34
CA GLN A 80 -5.98 -22.30 -17.72
C GLN A 80 -6.40 -21.18 -18.65
N ASP A 81 -7.18 -20.22 -18.15
CA ASP A 81 -7.68 -19.15 -19.00
C ASP A 81 -6.60 -18.16 -19.40
N PHE A 82 -5.46 -18.15 -18.70
CA PHE A 82 -4.39 -17.20 -18.98
C PHE A 82 -3.31 -17.80 -19.86
N LYS A 83 -2.92 -19.05 -19.60
CA LYS A 83 -1.89 -19.72 -20.37
C LYS A 83 -2.13 -21.22 -20.30
N THR A 84 -1.96 -21.89 -21.43
CA THR A 84 -2.20 -23.32 -21.49
C THR A 84 -0.97 -24.11 -21.07
N ASP A 85 -1.19 -25.41 -20.81
CA ASP A 85 -0.15 -26.35 -20.43
C ASP A 85 0.75 -25.79 -19.33
N LEU A 86 0.12 -25.22 -18.31
CA LEU A 86 0.83 -24.63 -17.18
C LEU A 86 1.03 -25.67 -16.08
N ARG A 87 2.27 -25.81 -15.60
CA ARG A 87 2.56 -26.66 -14.47
C ARG A 87 2.56 -25.83 -13.20
N PHE A 88 2.50 -26.50 -12.05
CA PHE A 88 2.45 -25.78 -10.78
C PHE A 88 3.31 -26.48 -9.74
N GLN A 89 4.20 -25.74 -9.11
CA GLN A 89 4.96 -26.29 -7.99
C GLN A 89 4.03 -26.58 -6.82
N SER A 90 4.31 -27.65 -6.09
CA SER A 90 3.50 -27.94 -4.91
C SER A 90 3.44 -26.73 -3.98
N SER A 91 4.58 -26.07 -3.74
CA SER A 91 4.66 -24.91 -2.87
C SER A 91 3.94 -23.70 -3.47
N ALA A 92 3.71 -23.65 -4.79
CA ALA A 92 2.88 -22.60 -5.37
C ALA A 92 1.43 -22.77 -4.93
N VAL A 93 0.92 -24.00 -5.06
CA VAL A 93 -0.45 -24.28 -4.65
C VAL A 93 -0.62 -24.04 -3.16
N MET A 94 0.36 -24.47 -2.35
CA MET A 94 0.24 -24.26 -0.92
C MET A 94 0.21 -22.77 -0.58
N ALA A 95 1.05 -21.98 -1.23
CA ALA A 95 1.06 -20.54 -1.00
C ALA A 95 -0.29 -19.93 -1.36
N LEU A 96 -0.83 -20.32 -2.51
CA LEU A 96 -2.13 -19.81 -2.92
C LEU A 96 -3.19 -20.15 -1.87
N GLN A 97 -3.22 -21.40 -1.42
CA GLN A 97 -4.23 -21.81 -0.46
C GLN A 97 -4.08 -21.07 0.86
N GLU A 98 -2.86 -20.82 1.31
CA GLU A 98 -2.65 -20.08 2.55
C GLU A 98 -3.16 -18.64 2.39
N ALA A 99 -2.82 -17.99 1.29
CA ALA A 99 -3.24 -16.61 1.08
C ALA A 99 -4.75 -16.52 1.02
N CYS A 100 -5.38 -17.42 0.26
CA CYS A 100 -6.83 -17.38 0.08
C CYS A 100 -7.52 -17.56 1.43
N GLU A 101 -7.13 -18.58 2.21
CA GLU A 101 -7.74 -18.83 3.50
C GLU A 101 -7.53 -17.67 4.45
N ALA A 102 -6.36 -17.03 4.50
CA ALA A 102 -6.17 -15.85 5.35
C ALA A 102 -7.12 -14.73 4.92
N TYR A 103 -7.19 -14.48 3.61
CA TYR A 103 -8.06 -13.42 3.10
C TYR A 103 -9.51 -13.67 3.50
N LEU A 104 -9.97 -14.91 3.32
CA LEU A 104 -11.37 -15.22 3.60
C LEU A 104 -11.67 -15.10 5.08
N VAL A 105 -10.75 -15.56 5.93
CA VAL A 105 -10.96 -15.42 7.38
C VAL A 105 -11.08 -13.94 7.75
N GLY A 106 -10.15 -13.11 7.25
CA GLY A 106 -10.25 -11.69 7.53
C GLY A 106 -11.56 -11.10 7.07
N LEU A 107 -12.03 -11.51 5.90
CA LEU A 107 -13.28 -10.98 5.38
C LEU A 107 -14.44 -11.42 6.25
N PHE A 108 -14.44 -12.67 6.69
CA PHE A 108 -15.52 -13.14 7.56
C PHE A 108 -15.52 -12.37 8.87
N GLU A 109 -14.34 -11.99 9.37
CA GLU A 109 -14.26 -11.19 10.59
C GLU A 109 -14.95 -9.85 10.37
N ASP A 110 -14.63 -9.14 9.29
CA ASP A 110 -15.22 -7.84 8.99
C ASP A 110 -16.72 -7.97 8.70
N THR A 111 -17.15 -9.05 8.08
CA THR A 111 -18.55 -9.35 7.84
C THR A 111 -19.28 -9.53 9.16
N ASN A 112 -18.67 -10.23 10.12
CA ASN A 112 -19.21 -10.42 11.45
C ASN A 112 -19.38 -9.09 12.17
N LEU A 113 -18.38 -8.20 12.09
CA LEU A 113 -18.48 -6.90 12.72
C LEU A 113 -19.65 -6.11 12.13
N CYS A 114 -19.81 -6.15 10.81
CA CYS A 114 -20.93 -5.46 10.16
C CYS A 114 -22.26 -5.98 10.66
N ALA A 115 -22.40 -7.31 10.72
CA ALA A 115 -23.64 -7.91 11.20
C ALA A 115 -23.95 -7.43 12.61
N ILE A 116 -22.98 -7.54 13.52
CA ILE A 116 -23.12 -7.12 14.93
C ILE A 116 -23.56 -5.66 15.02
N HIS A 117 -22.99 -4.78 14.19
CA HIS A 117 -23.40 -3.38 14.09
C HIS A 117 -24.82 -3.22 13.59
N ALA A 118 -25.37 -4.10 12.73
CA ALA A 118 -26.78 -4.01 12.38
C ALA A 118 -27.68 -4.77 13.36
N LYS A 119 -27.18 -5.04 14.57
CA LYS A 119 -27.94 -5.71 15.63
C LYS A 119 -28.39 -7.11 15.21
N ARG A 120 -27.70 -7.76 14.27
CA ARG A 120 -27.93 -9.14 13.86
C ARG A 120 -26.85 -10.03 14.41
N VAL A 121 -27.09 -11.35 14.48
CA VAL A 121 -26.00 -12.33 14.67
C VAL A 121 -25.76 -13.18 13.43
N THR A 122 -26.55 -13.01 12.37
CA THR A 122 -26.41 -13.80 11.15
C THR A 122 -25.73 -12.96 10.08
N ILE A 123 -24.65 -13.47 9.52
CA ILE A 123 -24.01 -12.82 8.39
C ILE A 123 -24.81 -13.08 7.12
N MET A 124 -24.97 -12.05 6.31
CA MET A 124 -25.77 -12.04 5.09
C MET A 124 -24.95 -11.44 3.95
N PRO A 125 -25.26 -11.71 2.67
CA PRO A 125 -24.51 -11.13 1.55
C PRO A 125 -24.32 -9.63 1.64
N LYS A 126 -25.30 -8.88 2.16
CA LYS A 126 -25.19 -7.41 2.32
C LYS A 126 -24.11 -6.98 3.31
N ASP A 127 -23.72 -7.83 4.24
CA ASP A 127 -22.59 -7.60 5.13
C ASP A 127 -21.26 -7.80 4.41
N ILE A 128 -21.12 -8.88 3.61
CA ILE A 128 -19.91 -9.06 2.81
C ILE A 128 -19.74 -7.90 1.86
N GLN A 129 -20.82 -7.51 1.18
CA GLN A 129 -20.75 -6.44 0.20
C GLN A 129 -20.28 -5.15 0.86
N LEU A 130 -20.88 -4.79 2.00
CA LEU A 130 -20.52 -3.59 2.73
C LEU A 130 -19.05 -3.64 3.13
N ALA A 131 -18.60 -4.72 3.75
CA ALA A 131 -17.22 -4.86 4.17
C ALA A 131 -16.29 -4.62 2.99
N ARG A 132 -16.56 -5.28 1.87
CA ARG A 132 -15.68 -5.16 0.71
C ARG A 132 -15.68 -3.73 0.18
N ARG A 133 -16.85 -3.11 0.08
CA ARG A 133 -16.92 -1.74 -0.42
C ARG A 133 -16.06 -0.82 0.44
N ILE A 134 -16.21 -0.92 1.76
CA ILE A 134 -15.45 -0.05 2.66
C ILE A 134 -13.96 -0.34 2.55
N ARG A 135 -13.57 -1.63 2.46
CA ARG A 135 -12.16 -2.04 2.27
C ARG A 135 -11.56 -1.46 1.01
N GLY A 136 -12.38 -1.06 0.03
CA GLY A 136 -11.92 -0.57 -1.24
C GLY A 136 -11.89 -1.61 -2.34
N GLU A 137 -12.19 -2.86 -2.02
CA GLU A 137 -12.13 -3.94 -3.01
C GLU A 137 -13.16 -3.73 -4.11
N ASP B 28 -17.09 -26.47 -13.26
CA ASP B 28 -17.74 -26.91 -12.02
C ASP B 28 -16.79 -27.19 -10.84
N ASN B 29 -15.54 -26.74 -10.91
CA ASN B 29 -14.57 -26.87 -9.81
C ASN B 29 -14.77 -25.81 -8.74
N ILE B 30 -15.51 -24.71 -8.99
CA ILE B 30 -15.76 -23.75 -7.93
C ILE B 30 -16.64 -24.39 -6.87
N GLN B 31 -17.43 -25.39 -7.26
CA GLN B 31 -18.31 -26.08 -6.33
C GLN B 31 -17.52 -26.96 -5.36
N GLY B 32 -16.26 -27.26 -5.69
CA GLY B 32 -15.43 -28.01 -4.77
C GLY B 32 -15.23 -27.32 -3.45
N ILE B 33 -15.37 -26.00 -3.41
CA ILE B 33 -15.34 -25.26 -2.15
C ILE B 33 -16.71 -25.47 -1.53
N THR B 34 -16.83 -26.55 -0.76
CA THR B 34 -18.11 -26.99 -0.24
C THR B 34 -18.61 -26.08 0.88
N LYS B 35 -19.90 -26.20 1.17
CA LYS B 35 -20.61 -25.53 2.25
C LYS B 35 -19.91 -25.70 3.59
N PRO B 36 -19.54 -26.91 4.05
CA PRO B 36 -18.81 -27.06 5.30
C PRO B 36 -17.43 -26.42 5.31
N ALA B 37 -16.69 -26.34 4.20
CA ALA B 37 -15.44 -25.57 4.18
C ALA B 37 -15.71 -24.10 4.49
N ILE B 38 -16.67 -23.50 3.80
CA ILE B 38 -17.00 -22.09 4.05
C ILE B 38 -17.40 -21.91 5.51
N ARG B 39 -18.19 -22.84 6.07
CA ARG B 39 -18.60 -22.77 7.48
C ARG B 39 -17.38 -22.82 8.38
N ARG B 40 -16.39 -23.67 8.10
CA ARG B 40 -15.16 -23.71 8.90
C ARG B 40 -14.43 -22.36 8.84
N LEU B 41 -14.29 -21.82 7.63
CA LEU B 41 -13.63 -20.53 7.48
C LEU B 41 -14.35 -19.46 8.29
N ALA B 42 -15.68 -19.45 8.24
CA ALA B 42 -16.44 -18.47 9.00
C ALA B 42 -16.21 -18.67 10.50
N ARG B 43 -16.19 -19.91 10.96
CA ARG B 43 -15.99 -20.21 12.38
C ARG B 43 -14.62 -19.75 12.84
N ARG B 44 -13.55 -19.86 12.04
CA ARG B 44 -12.28 -19.27 12.44
C ARG B 44 -12.38 -17.76 12.53
N GLY B 45 -13.22 -17.15 11.69
CA GLY B 45 -13.47 -15.73 11.72
C GLY B 45 -14.39 -15.27 12.82
N GLY B 46 -14.86 -16.19 13.66
CA GLY B 46 -15.70 -15.86 14.78
C GLY B 46 -17.16 -15.68 14.47
N VAL B 47 -17.64 -16.19 13.34
CA VAL B 47 -19.04 -16.06 12.93
C VAL B 47 -19.85 -17.18 13.57
N LYS B 48 -20.97 -16.84 14.20
CA LYS B 48 -21.81 -17.80 14.92
C LYS B 48 -22.97 -18.33 14.09
N ARG B 49 -23.62 -17.45 13.31
CA ARG B 49 -24.78 -17.83 12.51
C ARG B 49 -24.50 -17.40 11.07
N ILE B 50 -24.84 -18.21 10.10
CA ILE B 50 -24.52 -18.00 8.67
C ILE B 50 -25.79 -18.13 7.84
N SER B 51 -26.11 -17.12 7.03
CA SER B 51 -27.25 -17.18 6.13
C SER B 51 -26.97 -18.15 4.98
N GLY B 52 -28.04 -18.66 4.38
CA GLY B 52 -27.89 -19.63 3.31
C GLY B 52 -27.33 -19.06 2.03
N LEU B 53 -27.40 -17.74 1.86
CA LEU B 53 -26.95 -17.08 0.64
C LEU B 53 -25.48 -16.69 0.69
N ILE B 54 -24.82 -16.92 1.83
CA ILE B 54 -23.42 -16.52 2.00
C ILE B 54 -22.51 -17.38 1.14
N TYR B 55 -22.83 -18.66 0.99
CA TYR B 55 -21.93 -19.58 0.28
C TYR B 55 -21.65 -19.12 -1.14
N GLU B 56 -22.68 -18.74 -1.89
CA GLU B 56 -22.45 -18.30 -3.27
C GLU B 56 -21.65 -17.00 -3.30
N GLU B 57 -21.95 -16.07 -2.40
CA GLU B 57 -21.20 -14.82 -2.36
C GLU B 57 -19.73 -15.10 -2.10
N THR B 58 -19.46 -15.95 -1.11
CA THR B 58 -18.07 -16.28 -0.78
C THR B 58 -17.38 -16.91 -1.97
N ARG B 59 -18.05 -17.87 -2.63
CA ARG B 59 -17.45 -18.49 -3.80
C ARG B 59 -17.06 -17.44 -4.83
N GLY B 60 -17.96 -16.49 -5.09
CA GLY B 60 -17.65 -15.43 -6.06
C GLY B 60 -16.45 -14.60 -5.63
N VAL B 61 -16.41 -14.20 -4.36
CA VAL B 61 -15.30 -13.39 -3.86
C VAL B 61 -14.00 -14.15 -4.04
N LEU B 62 -13.98 -15.42 -3.62
CA LEU B 62 -12.78 -16.23 -3.73
C LEU B 62 -12.35 -16.31 -5.18
N LYS B 63 -13.30 -16.52 -6.09
CA LYS B 63 -12.97 -16.61 -7.51
C LYS B 63 -12.27 -15.35 -7.97
N VAL B 64 -12.83 -14.18 -7.64
CA VAL B 64 -12.22 -12.92 -8.05
C VAL B 64 -10.79 -12.82 -7.54
N PHE B 65 -10.62 -13.03 -6.23
CA PHE B 65 -9.29 -12.95 -5.61
C PHE B 65 -8.31 -13.87 -6.35
N LEU B 66 -8.69 -15.14 -6.50
CA LEU B 66 -7.83 -16.12 -7.13
C LEU B 66 -7.46 -15.66 -8.54
N GLU B 67 -8.45 -15.26 -9.33
CA GLU B 67 -8.16 -14.80 -10.69
C GLU B 67 -7.09 -13.73 -10.68
N ASN B 68 -7.24 -12.72 -9.82
CA ASN B 68 -6.28 -11.62 -9.77
C ASN B 68 -4.87 -12.15 -9.48
N VAL B 69 -4.74 -12.95 -8.42
CA VAL B 69 -3.42 -13.42 -8.02
C VAL B 69 -2.82 -14.30 -9.11
N ILE B 70 -3.60 -15.24 -9.63
CA ILE B 70 -3.06 -16.17 -10.61
C ILE B 70 -2.63 -15.38 -11.85
N ARG B 71 -3.45 -14.43 -12.29
CA ARG B 71 -3.09 -13.59 -13.42
C ARG B 71 -1.69 -13.03 -13.24
N ASP B 72 -1.44 -12.34 -12.13
CA ASP B 72 -0.13 -11.73 -11.90
C ASP B 72 0.96 -12.77 -11.77
N ALA B 73 0.70 -13.92 -11.15
CA ALA B 73 1.72 -14.96 -11.05
C ALA B 73 2.10 -15.48 -12.42
N VAL B 74 1.10 -15.67 -13.29
CA VAL B 74 1.36 -16.15 -14.64
C VAL B 74 2.14 -15.10 -15.42
N THR B 75 1.82 -13.82 -15.23
CA THR B 75 2.60 -12.79 -15.90
C THR B 75 4.07 -12.92 -15.53
N TYR B 76 4.36 -13.09 -14.24
CA TYR B 76 5.74 -13.28 -13.81
C TYR B 76 6.35 -14.51 -14.45
N THR B 77 5.60 -15.62 -14.47
CA THR B 77 6.11 -16.85 -15.07
C THR B 77 6.48 -16.63 -16.53
N GLU B 78 5.57 -16.02 -17.29
CA GLU B 78 5.80 -15.78 -18.71
C GLU B 78 7.01 -14.89 -18.94
N HIS B 79 7.21 -13.89 -18.07
CA HIS B 79 8.37 -13.02 -18.25
C HIS B 79 9.68 -13.80 -18.11
N ALA B 80 9.71 -14.78 -17.22
CA ALA B 80 10.90 -15.60 -17.02
C ALA B 80 11.04 -16.68 -18.08
N LYS B 81 10.12 -16.75 -19.03
CA LYS B 81 10.13 -17.77 -20.09
C LYS B 81 10.08 -19.19 -19.53
N ARG B 82 9.42 -19.35 -18.38
CA ARG B 82 9.27 -20.64 -17.73
C ARG B 82 7.91 -21.23 -18.05
N LYS B 83 7.78 -22.53 -17.85
CA LYS B 83 6.51 -23.22 -18.02
C LYS B 83 5.93 -23.71 -16.71
N THR B 84 6.58 -23.43 -15.58
CA THR B 84 6.15 -23.90 -14.27
C THR B 84 5.99 -22.71 -13.35
N VAL B 85 4.78 -22.53 -12.82
CA VAL B 85 4.57 -21.45 -11.85
C VAL B 85 5.28 -21.83 -10.56
N THR B 86 6.17 -20.98 -10.10
CA THR B 86 6.94 -21.24 -8.89
C THR B 86 6.31 -20.55 -7.69
N ALA B 87 6.67 -20.97 -6.49
CA ALA B 87 6.17 -20.31 -5.28
C ALA B 87 6.60 -18.85 -5.20
N MET B 88 7.75 -18.50 -5.76
CA MET B 88 8.22 -17.12 -5.81
C MET B 88 7.35 -16.25 -6.70
N ASP B 89 6.84 -16.75 -7.83
CA ASP B 89 5.86 -15.99 -8.61
C ASP B 89 4.65 -15.62 -7.76
N VAL B 90 4.12 -16.60 -7.04
CA VAL B 90 2.95 -16.37 -6.19
C VAL B 90 3.29 -15.33 -5.13
N VAL B 91 4.42 -15.52 -4.43
CA VAL B 91 4.80 -14.59 -3.38
C VAL B 91 4.86 -13.17 -3.92
N TYR B 92 5.49 -12.99 -5.08
CA TYR B 92 5.60 -11.66 -5.68
C TYR B 92 4.21 -11.09 -6.01
N ALA B 93 3.35 -11.91 -6.60
CA ALA B 93 2.01 -11.45 -6.97
C ALA B 93 1.28 -10.96 -5.73
N LEU B 94 1.34 -11.75 -4.65
CA LEU B 94 0.68 -11.36 -3.42
C LEU B 94 1.29 -10.07 -2.89
N LYS B 95 2.62 -9.97 -2.93
CA LYS B 95 3.31 -8.80 -2.39
C LYS B 95 2.84 -7.52 -3.08
N ARG B 96 2.75 -7.53 -4.41
CA ARG B 96 2.37 -6.33 -5.17
C ARG B 96 0.90 -5.94 -4.97
N GLN B 97 0.08 -6.86 -4.50
CA GLN B 97 -1.31 -6.61 -4.13
C GLN B 97 -1.47 -6.23 -2.65
N GLY B 98 -0.37 -6.01 -1.91
CA GLY B 98 -0.45 -5.67 -0.50
C GLY B 98 -0.88 -6.81 0.40
N ARG B 99 -0.61 -8.04 0.02
CA ARG B 99 -0.95 -9.21 0.83
C ARG B 99 0.31 -10.06 1.05
N THR B 100 1.35 -9.42 1.56
CA THR B 100 2.64 -10.08 1.77
C THR B 100 2.46 -11.38 2.53
N LEU B 101 3.08 -12.44 2.02
CA LEU B 101 3.00 -13.76 2.64
C LEU B 101 4.38 -14.15 3.14
N TYR B 102 4.43 -14.53 4.43
CA TYR B 102 5.70 -14.99 5.05
C TYR B 102 5.71 -16.51 5.15
N GLY B 103 6.84 -17.14 4.86
CA GLY B 103 7.01 -18.57 5.02
C GLY B 103 7.36 -19.33 3.76
N PHE B 104 7.35 -18.70 2.59
CA PHE B 104 7.58 -19.39 1.33
C PHE B 104 8.72 -18.75 0.55
N GLY B 105 9.76 -18.31 1.26
CA GLY B 105 10.98 -17.73 0.69
C GLY B 105 10.96 -16.22 0.51
N GLY B 106 10.13 -15.48 1.27
CA GLY B 106 9.97 -14.05 1.10
C GLY B 106 8.54 -13.58 1.29
N ALA C 14 31.76 16.71 -42.23
CA ALA C 14 30.73 17.21 -41.33
C ALA C 14 29.76 16.10 -40.94
N ARG C 15 29.33 16.10 -39.68
CA ARG C 15 28.43 15.07 -39.19
C ARG C 15 27.01 15.31 -39.68
N ALA C 16 26.10 14.42 -39.29
CA ALA C 16 24.72 14.50 -39.74
C ALA C 16 23.93 15.44 -38.84
N LYS C 17 22.87 16.03 -39.40
CA LYS C 17 22.02 16.90 -38.60
C LYS C 17 21.46 16.14 -37.42
N ALA C 18 21.42 16.79 -36.26
CA ALA C 18 20.95 16.12 -35.05
C ALA C 18 19.49 15.77 -35.18
N LYS C 19 19.16 14.48 -35.05
CA LYS C 19 17.79 14.02 -35.09
C LYS C 19 17.44 13.45 -33.72
N THR C 20 16.43 14.03 -33.07
CA THR C 20 16.07 13.59 -31.74
C THR C 20 15.51 12.17 -31.78
N ARG C 21 15.74 11.43 -30.70
CA ARG C 21 15.20 10.08 -30.63
C ARG C 21 13.68 10.11 -30.60
N SER C 22 13.10 11.17 -30.04
CA SER C 22 11.64 11.31 -30.02
C SER C 22 11.10 11.35 -31.45
N SER C 23 11.73 12.15 -32.31
CA SER C 23 11.28 12.27 -33.69
C SER C 23 11.45 10.97 -34.45
N ARG C 24 12.51 10.22 -34.14
CA ARG C 24 12.69 8.93 -34.81
C ARG C 24 11.55 7.98 -34.47
N ALA C 25 11.03 8.07 -33.26
CA ALA C 25 9.96 7.19 -32.80
C ALA C 25 8.57 7.79 -33.05
N GLY C 26 8.50 8.99 -33.58
CA GLY C 26 7.21 9.65 -33.78
C GLY C 26 6.47 9.95 -32.51
N LEU C 27 7.18 10.41 -31.47
CA LEU C 27 6.66 10.69 -30.12
C LEU C 27 6.79 12.17 -29.79
N GLN C 28 5.91 12.72 -28.93
CA GLN C 28 6.03 14.10 -28.40
C GLN C 28 6.91 14.08 -27.14
N PHE C 29 6.85 12.99 -26.35
CA PHE C 29 7.56 12.92 -25.09
C PHE C 29 9.06 12.80 -25.32
N PRO C 30 9.89 13.30 -24.39
CA PRO C 30 11.33 13.40 -24.57
C PRO C 30 12.00 12.05 -24.28
N VAL C 31 12.43 11.32 -25.31
CA VAL C 31 13.08 10.04 -25.11
C VAL C 31 14.40 10.23 -24.40
N GLY C 32 15.18 11.24 -24.82
CA GLY C 32 16.47 11.48 -24.19
C GLY C 32 16.34 11.74 -22.70
N ARG C 33 15.37 12.57 -22.33
CA ARG C 33 15.15 12.86 -20.92
C ARG C 33 14.74 11.60 -20.17
N VAL C 34 13.80 10.83 -20.72
CA VAL C 34 13.37 9.61 -20.06
C VAL C 34 14.57 8.70 -19.84
N HIS C 35 15.43 8.57 -20.86
CA HIS C 35 16.63 7.75 -20.74
C HIS C 35 17.50 8.24 -19.59
N ARG C 36 17.75 9.54 -19.53
CA ARG C 36 18.58 10.08 -18.46
C ARG C 36 17.97 9.79 -17.11
N LEU C 37 16.66 9.99 -16.97
CA LEU C 37 16.00 9.77 -15.69
C LEU C 37 16.08 8.31 -15.28
N LEU C 38 16.00 7.39 -16.24
CA LEU C 38 16.15 5.98 -15.93
C LEU C 38 17.58 5.67 -15.49
N ARG C 39 18.56 6.19 -16.21
CA ARG C 39 19.96 5.90 -15.91
C ARG C 39 20.38 6.46 -14.56
N LYS C 40 19.83 7.61 -14.16
CA LYS C 40 20.24 8.30 -12.95
C LYS C 40 19.26 8.11 -11.80
N GLY C 41 18.29 7.20 -11.94
CA GLY C 41 17.27 7.00 -10.95
C GLY C 41 17.50 5.81 -10.04
N ASN C 42 18.69 5.20 -10.10
CA ASN C 42 19.04 4.04 -9.28
C ASN C 42 18.01 2.93 -9.44
N TYR C 43 17.76 2.54 -10.69
CA TYR C 43 16.84 1.45 -10.99
C TYR C 43 17.57 0.17 -11.36
N SER C 44 18.60 0.27 -12.20
CA SER C 44 19.37 -0.90 -12.62
C SER C 44 20.77 -0.46 -12.97
N GLU C 45 21.64 -1.44 -13.22
CA GLU C 45 23.01 -1.13 -13.63
C GLU C 45 23.05 -0.61 -15.06
N ARG C 46 22.30 -1.25 -15.96
CA ARG C 46 22.30 -0.89 -17.38
C ARG C 46 20.87 -0.63 -17.82
N VAL C 47 20.72 0.17 -18.87
CA VAL C 47 19.41 0.48 -19.43
C VAL C 47 19.45 0.21 -20.93
N GLY C 48 18.54 -0.63 -21.40
CA GLY C 48 18.48 -0.95 -22.82
C GLY C 48 18.10 0.27 -23.64
N ALA C 49 18.40 0.18 -24.94
CA ALA C 49 18.13 1.30 -25.84
C ALA C 49 16.64 1.49 -26.07
N GLY C 50 15.87 0.40 -26.01
CA GLY C 50 14.43 0.45 -26.26
C GLY C 50 13.60 0.86 -25.07
N ALA C 51 14.14 0.72 -23.87
CA ALA C 51 13.39 1.03 -22.65
C ALA C 51 12.88 2.46 -22.64
N PRO C 52 13.72 3.49 -22.81
CA PRO C 52 13.18 4.85 -22.84
C PRO C 52 12.12 5.07 -23.91
N VAL C 53 12.30 4.49 -25.09
CA VAL C 53 11.30 4.64 -26.16
C VAL C 53 9.97 4.08 -25.70
N TYR C 54 9.98 2.85 -25.19
CA TYR C 54 8.74 2.21 -24.74
C TYR C 54 8.09 3.03 -23.63
N LEU C 55 8.87 3.40 -22.61
CA LEU C 55 8.30 4.13 -21.49
C LEU C 55 7.70 5.44 -21.96
N ALA C 56 8.44 6.19 -22.79
CA ALA C 56 7.94 7.47 -23.28
C ALA C 56 6.63 7.28 -24.03
N ALA C 57 6.55 6.25 -24.88
CA ALA C 57 5.33 6.02 -25.64
C ALA C 57 4.16 5.73 -24.70
N VAL C 58 4.39 4.92 -23.68
CA VAL C 58 3.31 4.59 -22.74
C VAL C 58 2.84 5.84 -22.01
N LEU C 59 3.75 6.67 -21.51
CA LEU C 59 3.41 7.91 -20.78
C LEU C 59 2.69 8.92 -21.67
N GLU C 60 3.09 9.03 -22.92
CA GLU C 60 2.40 9.85 -23.89
C GLU C 60 0.99 9.33 -24.15
N TYR C 61 0.80 8.02 -24.27
CA TYR C 61 -0.54 7.48 -24.50
C TYR C 61 -1.45 7.80 -23.32
N LEU C 62 -0.97 7.54 -22.10
CA LEU C 62 -1.79 7.78 -20.91
C LEU C 62 -2.17 9.25 -20.80
N THR C 63 -1.21 10.17 -20.96
CA THR C 63 -1.53 11.59 -20.87
C THR C 63 -2.46 12.02 -21.98
N ALA C 64 -2.35 11.49 -23.20
CA ALA C 64 -3.31 11.79 -24.25
C ALA C 64 -4.70 11.37 -23.82
N GLU C 65 -4.83 10.13 -23.32
CA GLU C 65 -6.14 9.63 -22.90
C GLU C 65 -6.78 10.55 -21.86
N ILE C 66 -6.08 10.85 -20.77
CA ILE C 66 -6.66 11.66 -19.70
C ILE C 66 -6.93 13.08 -20.18
N LEU C 67 -6.07 13.65 -21.04
CA LEU C 67 -6.34 14.99 -21.55
C LEU C 67 -7.59 14.99 -22.43
N GLU C 68 -7.73 13.96 -23.27
CA GLU C 68 -8.91 13.86 -24.13
C GLU C 68 -10.18 13.81 -23.31
N LEU C 69 -10.19 12.97 -22.26
CA LEU C 69 -11.40 12.86 -21.44
C LEU C 69 -11.67 14.17 -20.70
N ALA C 70 -10.61 14.85 -20.26
CA ALA C 70 -10.80 16.10 -19.54
C ALA C 70 -11.31 17.18 -20.48
N GLY C 71 -10.77 17.23 -21.70
CA GLY C 71 -11.25 18.19 -22.67
C GLY C 71 -12.71 17.95 -22.99
N ASN C 72 -13.11 16.68 -23.10
CA ASN C 72 -14.51 16.38 -23.34
C ASN C 72 -15.37 16.90 -22.20
N ALA C 73 -14.95 16.66 -20.96
CA ALA C 73 -15.72 17.17 -19.82
C ALA C 73 -15.80 18.70 -19.84
N ALA C 74 -14.70 19.36 -20.18
CA ALA C 74 -14.70 20.81 -20.27
C ALA C 74 -15.69 21.28 -21.32
N ARG C 75 -15.65 20.65 -22.50
CA ARG C 75 -16.56 21.03 -23.57
C ARG C 75 -18.00 20.82 -23.13
N ASP C 76 -18.26 19.73 -22.41
CA ASP C 76 -19.62 19.48 -21.92
C ASP C 76 -20.03 20.57 -20.94
N ASN C 77 -19.06 21.18 -20.26
CA ASN C 77 -19.33 22.25 -19.31
C ASN C 77 -19.19 23.63 -19.96
N LYS C 78 -19.15 23.68 -21.29
CA LYS C 78 -19.01 24.92 -22.06
C LYS C 78 -17.77 25.71 -21.65
N LYS C 79 -16.70 25.02 -21.28
CA LYS C 79 -15.45 25.66 -20.89
C LYS C 79 -14.38 25.34 -21.94
N THR C 80 -13.42 26.25 -22.09
CA THR C 80 -12.34 26.05 -23.05
C THR C 80 -11.00 25.75 -22.40
N ARG C 81 -10.91 25.79 -21.07
CA ARG C 81 -9.68 25.47 -20.36
C ARG C 81 -9.93 24.36 -19.37
N ILE C 82 -9.00 23.40 -19.32
CA ILE C 82 -9.11 22.29 -18.38
C ILE C 82 -8.70 22.75 -17.00
N ILE C 83 -9.51 22.42 -15.99
CA ILE C 83 -9.19 22.73 -14.60
C ILE C 83 -9.14 21.43 -13.81
N PRO C 84 -8.61 21.42 -12.59
CA PRO C 84 -8.60 20.19 -11.78
C PRO C 84 -9.95 19.49 -11.69
N ARG C 85 -11.05 20.26 -11.64
CA ARG C 85 -12.37 19.65 -11.62
C ARG C 85 -12.57 18.71 -12.79
N HIS C 86 -12.25 19.17 -14.00
CA HIS C 86 -12.45 18.36 -15.19
C HIS C 86 -11.62 17.08 -15.11
N LEU C 87 -10.38 17.19 -14.63
CA LEU C 87 -9.48 16.04 -14.45
C LEU C 87 -10.08 15.04 -13.48
N GLN C 88 -10.66 15.49 -12.36
CA GLN C 88 -11.30 14.60 -11.40
C GLN C 88 -12.50 13.91 -12.03
N LEU C 89 -13.34 14.69 -12.73
CA LEU C 89 -14.50 14.11 -13.39
C LEU C 89 -14.09 13.01 -14.35
N ALA C 90 -13.09 13.29 -15.19
CA ALA C 90 -12.64 12.33 -16.19
C ALA C 90 -12.12 11.06 -15.53
N ILE C 91 -11.30 11.19 -14.48
CA ILE C 91 -10.67 10.07 -13.79
C ILE C 91 -11.71 9.23 -13.06
N ARG C 92 -12.62 9.84 -12.30
CA ARG C 92 -13.56 9.08 -11.46
C ARG C 92 -14.68 8.43 -12.27
N ASN C 93 -14.97 8.94 -13.46
CA ASN C 93 -16.03 8.40 -14.30
C ASN C 93 -15.57 7.26 -15.19
N ASP C 94 -14.30 6.91 -15.20
CA ASP C 94 -13.78 5.81 -15.98
C ASP C 94 -13.30 4.73 -15.02
N GLU C 95 -13.89 3.54 -15.06
CA GLU C 95 -13.55 2.45 -14.14
C GLU C 95 -12.06 2.15 -14.14
N GLU C 96 -11.46 2.07 -15.34
CA GLU C 96 -10.05 1.70 -15.44
C GLU C 96 -9.16 2.81 -14.89
N LEU C 97 -9.36 4.06 -15.30
CA LEU C 97 -8.57 5.16 -14.76
C LEU C 97 -8.82 5.34 -13.28
N ASN C 98 -10.02 5.08 -12.78
CA ASN C 98 -10.28 5.13 -11.34
C ASN C 98 -9.45 4.09 -10.63
N LYS C 99 -9.40 2.86 -11.16
CA LYS C 99 -8.65 1.75 -10.58
C LYS C 99 -7.15 2.02 -10.60
N LEU C 100 -6.64 2.65 -11.66
CA LEU C 100 -5.23 3.03 -11.73
C LEU C 100 -4.90 4.10 -10.69
N LEU C 101 -5.75 5.12 -10.58
CA LEU C 101 -5.60 6.27 -9.69
C LEU C 101 -6.50 6.11 -8.47
N GLY C 102 -6.56 4.92 -7.88
CA GLY C 102 -7.42 4.72 -6.72
C GLY C 102 -6.97 5.49 -5.50
N ARG C 103 -5.70 5.37 -5.14
CA ARG C 103 -5.16 6.02 -3.94
C ARG C 103 -4.56 7.39 -4.22
N VAL C 104 -5.11 8.14 -5.16
CA VAL C 104 -4.60 9.45 -5.58
C VAL C 104 -5.63 10.53 -5.30
N THR C 105 -5.21 11.64 -4.70
CA THR C 105 -6.08 12.77 -4.42
C THR C 105 -5.74 13.90 -5.38
N ILE C 106 -6.72 14.33 -6.17
CA ILE C 106 -6.56 15.45 -7.07
C ILE C 106 -6.91 16.73 -6.30
N ALA C 107 -5.92 17.60 -6.12
CA ALA C 107 -6.16 18.85 -5.43
C ALA C 107 -7.22 19.68 -6.16
N GLN C 108 -8.11 20.30 -5.38
CA GLN C 108 -9.18 21.12 -5.95
C GLN C 108 -10.02 20.33 -6.95
N GLY C 109 -10.16 19.04 -6.73
CA GLY C 109 -10.96 18.20 -7.60
C GLY C 109 -12.39 17.99 -7.14
N GLY C 110 -12.63 18.07 -5.83
CA GLY C 110 -13.98 17.82 -5.35
C GLY C 110 -14.31 16.34 -5.44
N VAL C 111 -15.61 16.05 -5.43
CA VAL C 111 -16.11 14.68 -5.48
C VAL C 111 -17.17 14.56 -6.56
N LEU C 112 -17.57 13.33 -6.83
CA LEU C 112 -18.64 13.06 -7.78
C LEU C 112 -20.00 13.27 -7.12
N PRO C 113 -20.93 13.96 -7.78
CA PRO C 113 -22.28 14.07 -7.23
C PRO C 113 -22.92 12.70 -7.02
N ASN C 114 -23.12 12.31 -5.76
CA ASN C 114 -23.68 10.99 -5.45
C ASN C 114 -24.51 11.11 -4.17
N ILE C 115 -25.81 10.89 -4.28
CA ILE C 115 -26.71 10.88 -3.14
C ILE C 115 -27.36 9.50 -3.06
N GLN C 116 -27.30 8.89 -1.88
CA GLN C 116 -27.93 7.59 -1.68
C GLN C 116 -29.41 7.65 -2.00
N ALA C 117 -29.92 6.63 -2.68
CA ALA C 117 -31.31 6.57 -3.11
C ALA C 117 -32.27 6.57 -1.92
N VAL C 118 -31.84 6.09 -0.75
CA VAL C 118 -32.69 6.03 0.42
C VAL C 118 -32.93 7.41 1.03
N LEU C 119 -32.09 8.39 0.72
CA LEU C 119 -32.23 9.72 1.30
C LEU C 119 -33.19 10.62 0.54
N LEU C 120 -33.48 10.31 -0.72
CA LEU C 120 -34.37 11.15 -1.52
C LEU C 120 -35.75 11.22 -0.85
N PRO C 121 -36.47 12.36 -0.98
CA PRO C 121 -37.78 12.57 -0.37
C PRO C 121 -38.77 11.46 -0.67
N ARG D 35 15.55 31.64 -10.20
CA ARG D 35 16.79 31.34 -10.96
C ARG D 35 17.04 29.82 -11.03
N SER D 36 17.75 29.38 -12.08
CA SER D 36 18.15 27.99 -12.37
C SER D 36 16.98 27.13 -12.88
N ARG D 37 17.16 26.01 -13.41
CA ARG D 37 16.18 25.26 -14.22
C ARG D 37 15.49 24.28 -13.27
N LYS D 38 14.16 24.18 -13.28
CA LYS D 38 13.43 23.02 -12.76
C LYS D 38 12.72 22.35 -13.93
N GLU D 39 13.22 21.19 -14.34
CA GLU D 39 12.64 20.48 -15.48
C GLU D 39 11.22 20.02 -15.17
N SER D 40 10.40 19.97 -16.22
CA SER D 40 9.02 19.52 -16.09
C SER D 40 8.55 19.02 -17.45
N TYR D 41 7.39 18.38 -17.45
CA TYR D 41 6.79 17.81 -18.66
C TYR D 41 5.79 18.74 -19.32
N SER D 42 5.76 20.01 -18.91
CA SER D 42 4.76 20.96 -19.41
C SER D 42 4.72 21.01 -20.94
N ILE D 43 5.88 21.20 -21.58
CA ILE D 43 5.91 21.34 -23.04
C ILE D 43 5.27 20.13 -23.70
N TYR D 44 5.59 18.93 -23.26
CA TYR D 44 5.09 17.71 -23.89
C TYR D 44 3.62 17.50 -23.59
N VAL D 45 3.16 17.89 -22.39
CA VAL D 45 1.73 17.81 -22.11
C VAL D 45 0.96 18.74 -23.03
N TYR D 46 1.48 19.96 -23.23
CA TYR D 46 0.83 20.92 -24.09
C TYR D 46 0.85 20.45 -25.54
N LYS D 47 1.91 19.83 -26.03
CA LYS D 47 1.93 19.26 -27.38
C LYS D 47 0.83 18.22 -27.53
N VAL D 48 0.73 17.30 -26.57
CA VAL D 48 -0.27 16.25 -26.69
C VAL D 48 -1.67 16.86 -26.65
N LEU D 49 -1.88 17.84 -25.74
CA LEU D 49 -3.18 18.48 -25.66
C LEU D 49 -3.56 19.13 -26.98
N LYS D 50 -2.62 19.82 -27.64
CA LYS D 50 -2.84 20.43 -28.97
C LYS D 50 -3.04 19.40 -30.07
N GLN D 51 -2.59 18.16 -29.87
CA GLN D 51 -2.86 17.07 -30.83
C GLN D 51 -4.28 16.58 -30.61
N VAL D 52 -4.77 16.51 -29.36
CA VAL D 52 -6.07 15.90 -29.10
C VAL D 52 -7.20 16.94 -29.06
N HIS D 53 -6.89 18.17 -28.68
CA HIS D 53 -7.90 19.23 -28.55
C HIS D 53 -7.26 20.55 -28.97
N PRO D 54 -7.21 20.83 -30.27
CA PRO D 54 -6.51 22.03 -30.74
C PRO D 54 -7.02 23.34 -30.14
N ASP D 55 -8.29 23.43 -29.78
CA ASP D 55 -8.84 24.69 -29.30
C ASP D 55 -9.00 24.74 -27.78
N THR D 56 -8.44 23.77 -27.06
CA THR D 56 -8.59 23.67 -25.62
C THR D 56 -7.26 24.00 -24.95
N GLY D 57 -7.29 24.87 -23.95
CA GLY D 57 -6.11 25.20 -23.19
C GLY D 57 -6.08 24.47 -21.87
N ILE D 58 -5.22 24.94 -20.97
CA ILE D 58 -5.06 24.27 -19.69
C ILE D 58 -4.56 25.28 -18.66
N SER D 59 -5.09 25.18 -17.44
CA SER D 59 -4.71 26.05 -16.34
C SER D 59 -3.38 25.58 -15.74
N SER D 60 -2.73 26.49 -15.00
CA SER D 60 -1.48 26.14 -14.33
C SER D 60 -1.69 25.01 -13.33
N LYS D 61 -2.79 25.03 -12.58
CA LYS D 61 -3.05 23.98 -11.60
C LYS D 61 -3.27 22.64 -12.29
N ALA D 62 -3.93 22.60 -13.45
CA ALA D 62 -4.08 21.35 -14.18
C ALA D 62 -2.73 20.89 -14.72
N MET D 63 -1.88 21.81 -15.17
CA MET D 63 -0.54 21.44 -15.62
C MET D 63 0.24 20.83 -14.48
N GLY D 64 0.16 21.38 -13.27
CA GLY D 64 0.82 20.78 -12.13
C GLY D 64 0.31 19.38 -11.85
N ILE D 65 -1.01 19.16 -11.93
CA ILE D 65 -1.61 17.82 -11.78
C ILE D 65 -1.04 16.87 -12.81
N MET D 66 -1.00 17.26 -14.08
CA MET D 66 -0.45 16.43 -15.15
C MET D 66 1.04 16.13 -14.96
N ASN D 67 1.83 17.06 -14.43
CA ASN D 67 3.23 16.78 -14.12
C ASN D 67 3.34 15.74 -13.01
N SER D 68 2.59 15.94 -11.92
CA SER D 68 2.59 14.95 -10.85
C SER D 68 2.19 13.59 -11.37
N PHE D 69 1.16 13.53 -12.21
CA PHE D 69 0.70 12.27 -12.75
C PHE D 69 1.81 11.57 -13.51
N VAL D 70 2.46 12.29 -14.45
CA VAL D 70 3.51 11.72 -15.29
C VAL D 70 4.66 11.23 -14.45
N ASN D 71 5.08 12.00 -13.44
CA ASN D 71 6.15 11.57 -12.56
C ASN D 71 5.76 10.30 -11.81
N ASP D 72 4.55 10.26 -11.22
CA ASP D 72 4.06 9.10 -10.49
C ASP D 72 4.08 7.86 -11.37
N ILE D 73 3.50 7.91 -12.57
CA ILE D 73 3.45 6.74 -13.43
C ILE D 73 4.86 6.31 -13.80
N PHE D 74 5.72 7.27 -14.15
CA PHE D 74 7.11 6.96 -14.45
C PHE D 74 7.71 6.13 -13.32
N GLU D 75 7.62 6.65 -12.09
CA GLU D 75 8.18 5.94 -10.95
C GLU D 75 7.62 4.53 -10.86
N ARG D 76 6.29 4.36 -10.91
CA ARG D 76 5.64 3.05 -10.77
C ARG D 76 6.17 2.08 -11.82
N ILE D 77 6.24 2.50 -13.08
CA ILE D 77 6.68 1.60 -14.15
C ILE D 77 8.16 1.26 -13.95
N ALA D 78 9.00 2.27 -13.76
CA ALA D 78 10.43 2.01 -13.62
C ALA D 78 10.70 1.10 -12.44
N GLY D 79 10.01 1.32 -11.32
CA GLY D 79 10.22 0.49 -10.15
C GLY D 79 9.82 -0.95 -10.38
N GLU D 80 8.69 -1.20 -11.03
CA GLU D 80 8.33 -2.59 -11.32
C GLU D 80 9.25 -3.21 -12.36
N ALA D 81 9.74 -2.46 -13.35
CA ALA D 81 10.73 -3.02 -14.25
C ALA D 81 12.01 -3.39 -13.49
N SER D 82 12.42 -2.54 -12.54
CA SER D 82 13.59 -2.81 -11.73
C SER D 82 13.41 -4.10 -10.95
N ARG D 83 12.25 -4.24 -10.28
CA ARG D 83 12.00 -5.45 -9.53
C ARG D 83 12.06 -6.67 -10.43
N LEU D 84 11.39 -6.61 -11.59
CA LEU D 84 11.39 -7.73 -12.50
C LEU D 84 12.82 -8.13 -12.85
N ALA D 85 13.64 -7.15 -13.23
CA ALA D 85 15.03 -7.40 -13.58
C ALA D 85 15.76 -8.07 -12.43
N HIS D 86 15.62 -7.53 -11.22
CA HIS D 86 16.32 -8.06 -10.05
C HIS D 86 15.90 -9.49 -9.76
N TYR D 87 14.60 -9.78 -9.84
CA TYR D 87 14.11 -11.13 -9.55
C TYR D 87 14.78 -12.16 -10.45
N ASN D 88 15.04 -11.81 -11.70
CA ASN D 88 15.59 -12.75 -12.67
C ASN D 88 17.11 -12.62 -12.78
N LYS D 89 17.78 -11.97 -11.82
CA LYS D 89 19.24 -11.86 -11.76
C LYS D 89 19.85 -11.32 -13.07
N ARG D 90 19.20 -10.31 -13.64
CA ARG D 90 19.62 -9.54 -14.81
C ARG D 90 19.92 -8.11 -14.44
N SER D 91 20.86 -7.50 -15.14
CA SER D 91 21.38 -6.18 -14.88
C SER D 91 20.89 -5.12 -15.85
N THR D 92 20.10 -5.49 -16.86
CA THR D 92 19.67 -4.57 -17.89
C THR D 92 18.15 -4.46 -17.91
N ILE D 93 17.64 -3.24 -17.97
CA ILE D 93 16.21 -3.00 -18.15
C ILE D 93 15.97 -2.82 -19.64
N THR D 94 15.24 -3.75 -20.25
CA THR D 94 14.98 -3.72 -21.67
C THR D 94 13.50 -3.44 -21.93
N SER D 95 13.13 -3.44 -23.21
CA SER D 95 11.73 -3.21 -23.56
C SER D 95 10.84 -4.29 -23.01
N ARG D 96 11.37 -5.50 -22.85
CA ARG D 96 10.60 -6.60 -22.29
C ARG D 96 10.19 -6.32 -20.85
N GLU D 97 11.13 -5.80 -20.05
CA GLU D 97 10.81 -5.48 -18.67
C GLU D 97 9.73 -4.40 -18.61
N ILE D 98 9.86 -3.38 -19.46
CA ILE D 98 8.86 -2.30 -19.48
C ILE D 98 7.50 -2.87 -19.85
N GLN D 99 7.46 -3.70 -20.89
CA GLN D 99 6.19 -4.28 -21.33
C GLN D 99 5.53 -5.04 -20.20
N THR D 100 6.30 -5.90 -19.53
CA THR D 100 5.73 -6.69 -18.43
C THR D 100 5.24 -5.78 -17.31
N ALA D 101 6.02 -4.76 -16.96
CA ALA D 101 5.58 -3.81 -15.94
C ALA D 101 4.25 -3.17 -16.34
N VAL D 102 4.14 -2.76 -17.60
CA VAL D 102 2.90 -2.14 -18.07
C VAL D 102 1.74 -3.11 -17.90
N ARG D 103 1.95 -4.37 -18.26
CA ARG D 103 0.89 -5.36 -18.12
C ARG D 103 0.50 -5.53 -16.67
N LEU D 104 1.47 -5.45 -15.77
CA LEU D 104 1.20 -5.66 -14.34
C LEU D 104 0.49 -4.47 -13.70
N LEU D 105 0.83 -3.25 -14.12
CA LEU D 105 0.34 -2.02 -13.52
C LEU D 105 -0.97 -1.53 -14.15
N LEU D 106 -1.02 -1.40 -15.47
CA LEU D 106 -2.18 -0.79 -16.12
C LEU D 106 -3.35 -1.78 -16.11
N PRO D 107 -4.54 -1.35 -15.68
CA PRO D 107 -5.68 -2.27 -15.64
C PRO D 107 -6.42 -2.44 -16.96
N GLY D 108 -6.76 -3.68 -17.25
CA GLY D 108 -7.57 -4.03 -18.40
C GLY D 108 -7.11 -3.50 -19.74
N GLU D 109 -8.04 -2.86 -20.45
CA GLU D 109 -7.76 -2.41 -21.82
C GLU D 109 -6.70 -1.32 -21.87
N LEU D 110 -6.51 -0.59 -20.78
CA LEU D 110 -5.43 0.40 -20.77
C LEU D 110 -4.13 -0.29 -21.15
N ALA D 111 -3.87 -1.43 -20.51
CA ALA D 111 -2.64 -2.15 -20.80
C ALA D 111 -2.63 -2.55 -22.26
N LYS D 112 -3.73 -3.14 -22.72
CA LYS D 112 -3.78 -3.59 -24.11
C LYS D 112 -3.34 -2.47 -25.03
N HIS D 113 -3.93 -1.28 -24.88
CA HIS D 113 -3.58 -0.22 -25.81
C HIS D 113 -2.19 0.33 -25.55
N ALA D 114 -1.81 0.47 -24.27
CA ALA D 114 -0.49 1.00 -23.98
C ALA D 114 0.60 0.13 -24.58
N VAL D 115 0.47 -1.18 -24.45
CA VAL D 115 1.48 -2.06 -25.02
C VAL D 115 1.54 -1.87 -26.52
N SER D 116 0.37 -1.83 -27.16
CA SER D 116 0.35 -1.60 -28.60
C SER D 116 1.11 -0.33 -28.93
N GLU D 117 0.81 0.76 -28.23
CA GLU D 117 1.48 2.01 -28.54
C GLU D 117 2.98 1.84 -28.40
N GLY D 118 3.42 1.29 -27.26
CA GLY D 118 4.84 1.12 -27.05
C GLY D 118 5.46 0.29 -28.14
N THR D 119 4.81 -0.81 -28.51
CA THR D 119 5.41 -1.67 -29.52
C THR D 119 5.56 -0.91 -30.83
N LYS D 120 4.52 -0.19 -31.23
CA LYS D 120 4.62 0.55 -32.48
C LYS D 120 5.81 1.50 -32.42
N ALA D 121 5.94 2.22 -31.30
CA ALA D 121 7.01 3.19 -31.21
C ALA D 121 8.35 2.51 -31.35
N VAL D 122 8.54 1.39 -30.64
CA VAL D 122 9.82 0.70 -30.71
C VAL D 122 10.09 0.30 -32.15
N THR D 123 9.09 -0.27 -32.82
CA THR D 123 9.29 -0.66 -34.21
C THR D 123 9.74 0.54 -35.03
N LYS D 124 9.02 1.65 -34.90
CA LYS D 124 9.38 2.83 -35.68
C LYS D 124 10.80 3.26 -35.33
N TYR D 125 11.13 3.24 -34.04
CA TYR D 125 12.46 3.67 -33.63
C TYR D 125 13.52 2.74 -34.23
N THR D 126 13.26 1.44 -34.22
CA THR D 126 14.26 0.48 -34.69
C THR D 126 14.52 0.60 -36.19
N SER D 127 13.55 1.11 -36.95
CA SER D 127 13.73 1.35 -38.37
C SER D 127 14.15 2.78 -38.67
N ALA D 128 14.49 3.55 -37.65
CA ALA D 128 14.93 4.94 -37.83
C ALA D 128 13.99 5.72 -38.74
N HIS E 43 -43.14 30.68 5.65
CA HIS E 43 -42.75 29.44 4.99
C HIS E 43 -41.62 28.78 5.77
N ARG E 44 -41.77 27.49 6.05
CA ARG E 44 -40.74 26.70 6.71
C ARG E 44 -40.55 25.39 5.97
N TYR E 45 -39.35 25.19 5.43
CA TYR E 45 -39.04 23.94 4.74
C TYR E 45 -38.99 22.78 5.71
N ARG E 46 -39.53 21.64 5.30
CA ARG E 46 -39.51 20.47 6.16
C ARG E 46 -38.09 19.98 6.35
N PRO E 47 -37.75 19.48 7.54
CA PRO E 47 -36.43 18.90 7.75
C PRO E 47 -36.03 17.95 6.64
N GLY E 48 -34.86 18.20 6.06
CA GLY E 48 -34.35 17.39 4.97
C GLY E 48 -34.21 18.15 3.66
N THR E 49 -35.13 19.09 3.39
CA THR E 49 -35.08 19.81 2.12
C THR E 49 -33.78 20.62 2.03
N VAL E 50 -33.49 21.40 3.06
CA VAL E 50 -32.30 22.24 3.04
C VAL E 50 -31.06 21.37 3.12
N ALA E 51 -31.12 20.26 3.86
CA ALA E 51 -30.00 19.33 3.95
C ALA E 51 -29.64 18.76 2.58
N LEU E 52 -30.63 18.41 1.75
CA LEU E 52 -30.36 17.93 0.41
C LEU E 52 -29.86 19.06 -0.50
N ARG E 53 -30.39 20.27 -0.32
CA ARG E 53 -29.89 21.39 -1.11
C ARG E 53 -28.42 21.64 -0.82
N GLU E 54 -28.04 21.55 0.46
CA GLU E 54 -26.65 21.75 0.84
C GLU E 54 -25.77 20.65 0.28
N ILE E 55 -26.23 19.39 0.33
CA ILE E 55 -25.52 18.23 -0.24
C ILE E 55 -25.24 18.54 -1.70
N ARG E 56 -26.24 18.94 -2.48
CA ARG E 56 -26.04 19.24 -3.91
C ARG E 56 -25.03 20.36 -4.09
N ARG E 57 -25.16 21.42 -3.29
CA ARG E 57 -24.29 22.58 -3.46
C ARG E 57 -22.83 22.22 -3.18
N TYR E 58 -22.58 21.52 -2.07
CA TYR E 58 -21.20 21.26 -1.71
C TYR E 58 -20.60 20.16 -2.58
N GLN E 59 -21.44 19.27 -3.11
CA GLN E 59 -20.94 18.24 -4.01
C GLN E 59 -20.67 18.78 -5.40
N LYS E 60 -21.21 19.97 -5.71
CA LYS E 60 -20.97 20.57 -7.02
C LYS E 60 -19.76 21.49 -7.00
N SER E 61 -19.42 22.03 -5.84
CA SER E 61 -18.32 22.98 -5.66
C SER E 61 -17.05 22.25 -5.29
N THR E 62 -15.91 22.96 -5.40
CA THR E 62 -14.63 22.37 -5.06
C THR E 62 -13.81 23.16 -4.05
N GLU E 63 -14.33 24.27 -3.52
CA GLU E 63 -13.55 25.09 -2.60
C GLU E 63 -13.33 24.36 -1.28
N LEU E 64 -12.29 24.79 -0.56
CA LEU E 64 -12.01 24.21 0.75
C LEU E 64 -13.04 24.69 1.74
N LEU E 65 -13.48 23.79 2.62
CA LEU E 65 -14.57 24.11 3.53
C LEU E 65 -14.14 24.47 4.95
N ILE E 66 -12.90 24.19 5.33
CA ILE E 66 -12.40 24.59 6.65
C ILE E 66 -11.75 25.96 6.52
N ARG E 67 -12.01 26.84 7.50
CA ARG E 67 -11.37 28.14 7.52
C ARG E 67 -9.85 27.99 7.59
N LYS E 68 -9.15 28.81 6.80
CA LYS E 68 -7.70 28.65 6.69
C LYS E 68 -6.99 28.98 8.01
N LEU E 69 -7.25 30.14 8.59
CA LEU E 69 -6.56 30.60 9.80
C LEU E 69 -6.69 29.60 10.96
N PRO E 70 -7.87 29.10 11.35
CA PRO E 70 -7.97 28.06 12.39
C PRO E 70 -7.19 26.81 12.05
N PHE E 71 -7.28 26.34 10.81
CA PHE E 71 -6.55 25.14 10.43
C PHE E 71 -5.05 25.35 10.59
N GLN E 72 -4.55 26.51 10.13
CA GLN E 72 -3.13 26.81 10.27
C GLN E 72 -2.72 26.76 11.72
N ARG E 73 -3.54 27.36 12.59
CA ARG E 73 -3.23 27.36 14.02
C ARG E 73 -3.15 25.92 14.52
N LEU E 74 -4.10 25.08 14.12
CA LEU E 74 -4.09 23.68 14.55
C LEU E 74 -2.81 23.00 14.09
N VAL E 75 -2.46 23.17 12.82
CA VAL E 75 -1.25 22.55 12.27
C VAL E 75 -0.05 22.96 13.09
N ARG E 76 0.09 24.27 13.37
CA ARG E 76 1.26 24.75 14.09
C ARG E 76 1.27 24.19 15.51
N GLU E 77 0.10 24.15 16.15
CA GLU E 77 0.02 23.63 17.52
C GLU E 77 0.46 22.17 17.54
N ILE E 78 0.01 21.39 16.57
CA ILE E 78 0.37 19.98 16.54
C ILE E 78 1.86 19.83 16.30
N ALA E 79 2.41 20.61 15.36
CA ALA E 79 3.82 20.49 15.01
C ALA E 79 4.70 20.90 16.18
N GLN E 80 4.18 21.77 17.05
CA GLN E 80 4.99 22.28 18.17
C GLN E 80 5.48 21.13 19.05
N ASP E 81 4.70 20.05 19.16
CA ASP E 81 5.08 18.96 20.05
C ASP E 81 6.25 18.15 19.51
N PHE E 82 6.55 18.25 18.22
CA PHE E 82 7.62 17.48 17.60
C PHE E 82 8.93 18.26 17.51
N LYS E 83 8.85 19.53 17.15
CA LYS E 83 10.05 20.36 17.03
C LYS E 83 9.63 21.81 17.24
N THR E 84 10.45 22.55 17.98
CA THR E 84 10.14 23.94 18.29
C THR E 84 10.62 24.86 17.17
N ASP E 85 10.12 26.10 17.22
CA ASP E 85 10.50 27.15 16.27
C ASP E 85 10.45 26.65 14.83
N LEU E 86 9.44 25.86 14.48
CA LEU E 86 9.22 25.40 13.10
C LEU E 86 8.53 26.50 12.32
N ARG E 87 9.00 26.70 11.09
CA ARG E 87 8.33 27.56 10.13
C ARG E 87 7.55 26.68 9.16
N PHE E 88 6.62 27.30 8.41
CA PHE E 88 5.80 26.54 7.48
C PHE E 88 5.59 27.30 6.19
N GLN E 89 5.88 26.65 5.05
CA GLN E 89 5.56 27.24 3.77
C GLN E 89 4.05 27.34 3.61
N SER E 90 3.58 28.40 2.95
CA SER E 90 2.15 28.52 2.71
C SER E 90 1.62 27.27 2.00
N SER E 91 2.34 26.77 1.00
CA SER E 91 1.93 25.58 0.25
C SER E 91 2.00 24.32 1.11
N ALA E 92 2.78 24.28 2.20
CA ALA E 92 2.73 23.15 3.11
C ALA E 92 1.38 23.10 3.82
N VAL E 93 0.94 24.24 4.35
CA VAL E 93 -0.34 24.31 5.04
C VAL E 93 -1.47 23.98 4.06
N MET E 94 -1.38 24.50 2.83
CA MET E 94 -2.45 24.22 1.88
C MET E 94 -2.52 22.72 1.57
N ALA E 95 -1.36 22.09 1.39
CA ALA E 95 -1.32 20.65 1.13
C ALA E 95 -1.95 19.88 2.29
N LEU E 96 -1.59 20.25 3.52
CA LEU E 96 -2.16 19.59 4.69
C LEU E 96 -3.67 19.73 4.68
N GLN E 97 -4.17 20.95 4.44
CA GLN E 97 -5.61 21.16 4.46
C GLN E 97 -6.28 20.30 3.42
N GLU E 98 -5.74 20.27 2.20
CA GLU E 98 -6.33 19.48 1.12
C GLU E 98 -6.42 18.02 1.52
N ALA E 99 -5.32 17.48 2.04
CA ALA E 99 -5.29 16.07 2.41
C ALA E 99 -6.32 15.79 3.50
N CYS E 100 -6.35 16.64 4.53
CA CYS E 100 -7.26 16.41 5.65
C CYS E 100 -8.70 16.43 5.17
N GLU E 101 -9.06 17.42 4.35
CA GLU E 101 -10.43 17.52 3.86
C GLU E 101 -10.80 16.30 3.04
N ALA E 102 -9.93 15.88 2.12
CA ALA E 102 -10.22 14.69 1.32
C ALA E 102 -10.44 13.48 2.22
N TYR E 103 -9.57 13.30 3.21
CA TYR E 103 -9.68 12.16 4.12
C TYR E 103 -11.02 12.18 4.83
N LEU E 104 -11.40 13.35 5.35
CA LEU E 104 -12.62 13.45 6.14
C LEU E 104 -13.84 13.21 5.26
N VAL E 105 -13.85 13.75 4.05
CA VAL E 105 -14.98 13.50 3.13
C VAL E 105 -15.10 12.01 2.87
N GLY E 106 -14.00 11.34 2.55
CA GLY E 106 -14.06 9.90 2.32
C GLY E 106 -14.59 9.15 3.53
N LEU E 107 -14.16 9.57 4.73
CA LEU E 107 -14.62 8.90 5.93
C LEU E 107 -16.11 9.11 6.12
N PHE E 108 -16.59 10.34 5.89
CA PHE E 108 -18.02 10.60 6.03
C PHE E 108 -18.82 9.77 5.04
N GLU E 109 -18.27 9.54 3.84
CA GLU E 109 -18.96 8.69 2.87
C GLU E 109 -19.12 7.27 3.42
N ASP E 110 -18.05 6.69 3.93
CA ASP E 110 -18.07 5.34 4.49
C ASP E 110 -18.93 5.28 5.75
N THR E 111 -18.95 6.33 6.56
CA THR E 111 -19.82 6.46 7.73
C THR E 111 -21.28 6.47 7.30
N ASN E 112 -21.61 7.18 6.23
CA ASN E 112 -22.96 7.22 5.68
C ASN E 112 -23.39 5.85 5.19
N LEU E 113 -22.53 5.10 4.50
CA LEU E 113 -22.87 3.75 4.07
C LEU E 113 -23.17 2.85 5.26
N CYS E 114 -22.37 2.96 6.32
CA CYS E 114 -22.61 2.16 7.53
C CYS E 114 -23.98 2.49 8.12
N ALA E 115 -24.30 3.78 8.23
CA ALA E 115 -25.58 4.19 8.78
C ALA E 115 -26.72 3.58 7.97
N ILE E 116 -26.69 3.76 6.64
CA ILE E 116 -27.70 3.24 5.72
C ILE E 116 -27.86 1.73 5.88
N HIS E 117 -26.77 0.99 6.04
CA HIS E 117 -26.80 -0.44 6.34
C HIS E 117 -27.45 -0.76 7.69
N ALA E 118 -27.35 0.10 8.72
CA ALA E 118 -28.09 -0.15 9.95
C ALA E 118 -29.51 0.42 9.91
N LYS E 119 -30.03 0.67 8.72
CA LYS E 119 -31.39 1.16 8.52
C LYS E 119 -31.63 2.52 9.19
N ARG E 120 -30.58 3.30 9.41
CA ARG E 120 -30.65 4.67 9.92
C ARG E 120 -30.37 5.65 8.81
N VAL E 121 -30.70 6.91 9.04
CA VAL E 121 -30.30 8.00 8.18
C VAL E 121 -29.39 8.98 8.90
N THR E 122 -29.14 8.75 10.18
CA THR E 122 -28.30 9.61 11.01
C THR E 122 -26.97 8.92 11.27
N ILE E 123 -25.86 9.59 10.98
CA ILE E 123 -24.55 9.06 11.31
C ILE E 123 -24.27 9.25 12.80
N MET E 124 -23.68 8.25 13.44
CA MET E 124 -23.36 8.26 14.86
C MET E 124 -21.90 7.86 15.05
N PRO E 125 -21.33 8.16 16.22
CA PRO E 125 -19.94 7.75 16.49
C PRO E 125 -19.67 6.27 16.20
N LYS E 126 -20.61 5.38 16.51
CA LYS E 126 -20.44 3.95 16.24
C LYS E 126 -20.27 3.67 14.76
N ASP E 127 -20.80 4.49 13.86
CA ASP E 127 -20.59 4.34 12.42
C ASP E 127 -19.18 4.76 12.03
N ILE E 128 -18.68 5.88 12.56
CA ILE E 128 -17.29 6.26 12.30
C ILE E 128 -16.35 5.16 12.78
N GLN E 129 -16.59 4.65 13.99
CA GLN E 129 -15.71 3.64 14.56
C GLN E 129 -15.69 2.41 13.67
N LEU E 130 -16.87 1.92 13.27
CA LEU E 130 -16.94 0.75 12.40
C LEU E 130 -16.19 1.02 11.11
N ALA E 131 -16.48 2.14 10.43
CA ALA E 131 -15.81 2.46 9.18
C ALA E 131 -14.30 2.38 9.34
N ARG E 132 -13.78 3.04 10.39
CA ARG E 132 -12.34 3.07 10.60
C ARG E 132 -11.80 1.66 10.84
N ARG E 133 -12.48 0.89 11.68
CA ARG E 133 -12.03 -0.47 11.97
C ARG E 133 -11.92 -1.28 10.68
N ILE E 134 -12.95 -1.24 9.85
CA ILE E 134 -12.95 -2.02 8.61
C ILE E 134 -11.86 -1.51 7.67
N ARG E 135 -11.67 -0.19 7.58
CA ARG E 135 -10.64 0.44 6.74
C ARG E 135 -9.23 0.08 7.19
N GLY E 136 -9.06 -0.46 8.38
CA GLY E 136 -7.76 -0.83 8.89
C GLY E 136 -7.08 0.22 9.74
N GLU E 137 -7.67 1.41 9.85
CA GLU E 137 -7.06 2.50 10.60
C GLU E 137 -6.93 2.15 12.07
N ASP F 28 -6.46 24.08 22.94
CA ASP F 28 -7.83 24.24 22.42
C ASP F 28 -7.94 24.83 21.01
N ASN F 29 -6.86 24.87 20.22
CA ASN F 29 -6.97 25.20 18.78
C ASN F 29 -7.74 24.12 18.02
N ILE F 30 -7.95 22.94 18.60
CA ILE F 30 -8.74 21.90 17.96
C ILE F 30 -10.18 22.34 17.84
N GLN F 31 -10.61 23.25 18.72
CA GLN F 31 -11.96 23.77 18.70
C GLN F 31 -12.19 24.70 17.50
N GLY F 32 -11.12 25.16 16.86
CA GLY F 32 -11.28 25.96 15.66
C GLY F 32 -11.99 25.24 14.54
N ILE F 33 -11.96 23.91 14.54
CA ILE F 33 -12.73 23.12 13.59
C ILE F 33 -14.17 23.13 14.10
N THR F 34 -14.93 24.14 13.68
CA THR F 34 -16.30 24.43 14.14
C THR F 34 -17.32 23.36 13.75
N LYS F 35 -18.44 23.34 14.47
CA LYS F 35 -19.64 22.55 14.14
C LYS F 35 -20.08 22.72 12.67
N PRO F 36 -20.28 23.93 12.12
CA PRO F 36 -20.65 24.09 10.72
C PRO F 36 -19.58 23.63 9.72
N ALA F 37 -18.28 23.73 9.99
CA ALA F 37 -17.28 23.14 9.09
C ALA F 37 -17.48 21.63 8.97
N ILE F 38 -17.59 20.94 10.11
CA ILE F 38 -17.80 19.50 10.07
C ILE F 38 -19.07 19.17 9.31
N ARG F 39 -20.16 19.94 9.52
CA ARG F 39 -21.41 19.73 8.78
C ARG F 39 -21.18 19.90 7.29
N ARG F 40 -20.41 20.90 6.84
CA ARG F 40 -20.13 21.06 5.43
C ARG F 40 -19.38 19.84 4.89
N LEU F 41 -18.37 19.38 5.62
CA LEU F 41 -17.62 18.21 5.20
C LEU F 41 -18.55 17.01 5.06
N ALA F 42 -19.44 16.82 6.02
CA ALA F 42 -20.38 15.71 5.96
C ALA F 42 -21.29 15.84 4.74
N ARG F 43 -21.76 17.06 4.46
CA ARG F 43 -22.65 17.30 3.31
C ARG F 43 -21.94 17.01 1.99
N ARG F 44 -20.64 17.29 1.84
CA ARG F 44 -19.93 16.86 0.65
C ARG F 44 -19.86 15.34 0.58
N GLY F 45 -19.79 14.68 1.72
CA GLY F 45 -19.78 13.24 1.81
C GLY F 45 -21.14 12.59 1.65
N GLY F 46 -22.17 13.41 1.43
CA GLY F 46 -23.51 12.90 1.19
C GLY F 46 -24.30 12.57 2.42
N VAL F 47 -23.92 13.08 3.59
CA VAL F 47 -24.62 12.83 4.85
C VAL F 47 -25.78 13.79 5.01
N LYS F 48 -26.97 13.26 5.32
CA LYS F 48 -28.18 14.07 5.42
C LYS F 48 -28.49 14.48 6.86
N ARG F 49 -28.31 13.59 7.82
CA ARG F 49 -28.62 13.84 9.22
C ARG F 49 -27.38 13.52 10.04
N ILE F 50 -27.10 14.35 11.04
CA ILE F 50 -25.88 14.21 11.83
C ILE F 50 -26.22 14.21 13.31
N SER F 51 -25.69 13.23 14.05
CA SER F 51 -25.86 13.19 15.48
C SER F 51 -25.01 14.24 16.16
N GLY F 52 -25.41 14.64 17.37
CA GLY F 52 -24.67 15.66 18.08
C GLY F 52 -23.31 15.23 18.57
N LEU F 53 -23.07 13.93 18.67
CA LEU F 53 -21.82 13.39 19.19
C LEU F 53 -20.77 13.20 18.10
N ILE F 54 -21.13 13.46 16.85
CA ILE F 54 -20.21 13.24 15.73
C ILE F 54 -19.08 14.25 15.74
N TYR F 55 -19.35 15.49 16.15
CA TYR F 55 -18.35 16.55 16.09
C TYR F 55 -17.10 16.21 16.89
N GLU F 56 -17.26 15.73 18.13
CA GLU F 56 -16.07 15.40 18.92
C GLU F 56 -15.32 14.22 18.32
N GLU F 57 -16.03 13.21 17.84
CA GLU F 57 -15.37 12.07 17.21
C GLU F 57 -14.54 12.54 16.02
N THR F 58 -15.15 13.36 15.16
CA THR F 58 -14.45 13.85 13.98
C THR F 58 -13.21 14.64 14.39
N ARG F 59 -13.35 15.52 15.38
CA ARG F 59 -12.19 16.28 15.84
C ARG F 59 -11.07 15.34 16.25
N GLY F 60 -11.39 14.30 17.00
CA GLY F 60 -10.37 13.34 17.42
C GLY F 60 -9.71 12.66 16.24
N VAL F 61 -10.51 12.21 15.28
CA VAL F 61 -9.96 11.54 14.10
C VAL F 61 -9.02 12.47 13.36
N LEU F 62 -9.47 13.71 13.14
CA LEU F 62 -8.64 14.67 12.43
C LEU F 62 -7.34 14.88 13.18
N LYS F 63 -7.41 15.00 14.51
CA LYS F 63 -6.20 15.21 15.30
C LYS F 63 -5.21 14.08 15.07
N VAL F 64 -5.68 12.84 15.15
CA VAL F 64 -4.80 11.68 14.95
C VAL F 64 -4.15 11.75 13.57
N PHE F 65 -4.96 11.92 12.53
CA PHE F 65 -4.44 11.99 11.16
C PHE F 65 -3.35 13.06 11.07
N LEU F 66 -3.69 14.27 11.51
CA LEU F 66 -2.76 15.39 11.42
C LEU F 66 -1.47 15.06 12.14
N GLU F 67 -1.57 14.57 13.38
CA GLU F 67 -0.36 14.22 14.13
C GLU F 67 0.53 13.31 13.30
N ASN F 68 -0.04 12.24 12.73
CA ASN F 68 0.76 11.30 11.95
C ASN F 68 1.47 11.99 10.80
N VAL F 69 0.72 12.75 10.00
CA VAL F 69 1.31 13.37 8.83
C VAL F 69 2.37 14.37 9.24
N ILE F 70 2.07 15.23 10.22
CA ILE F 70 3.01 16.26 10.62
C ILE F 70 4.27 15.61 11.15
N ARG F 71 4.16 14.53 11.93
CA ARG F 71 5.31 13.83 12.49
C ARG F 71 6.21 13.32 11.39
N ASP F 72 5.68 12.75 10.32
CA ASP F 72 6.52 12.34 9.19
C ASP F 72 7.10 13.54 8.44
N ALA F 73 6.34 14.62 8.22
CA ALA F 73 6.85 15.79 7.52
C ALA F 73 8.00 16.41 8.29
N VAL F 74 7.88 16.51 9.62
CA VAL F 74 8.94 17.07 10.43
C VAL F 74 10.17 16.18 10.39
N THR F 75 9.97 14.86 10.40
CA THR F 75 11.12 13.97 10.27
C THR F 75 11.89 14.28 9.00
N TYR F 76 11.17 14.41 7.88
CA TYR F 76 11.82 14.77 6.62
C TYR F 76 12.54 16.10 6.72
N THR F 77 11.89 17.10 7.32
CA THR F 77 12.51 18.41 7.48
C THR F 77 13.82 18.31 8.26
N GLU F 78 13.79 17.60 9.40
CA GLU F 78 14.97 17.47 10.23
C GLU F 78 16.09 16.76 9.50
N HIS F 79 15.76 15.76 8.68
CA HIS F 79 16.81 15.07 7.94
C HIS F 79 17.52 16.01 6.97
N ALA F 80 16.78 16.94 6.38
CA ALA F 80 17.38 17.91 5.46
C ALA F 80 18.07 19.05 6.18
N LYS F 81 18.07 19.04 7.51
CA LYS F 81 18.68 20.08 8.34
C LYS F 81 18.06 21.45 8.07
N ARG F 82 16.78 21.47 7.72
CA ARG F 82 16.05 22.70 7.46
C ARG F 82 15.23 23.09 8.67
N LYS F 83 14.82 24.36 8.71
CA LYS F 83 13.94 24.85 9.77
C LYS F 83 12.56 25.20 9.25
N THR F 84 12.29 24.98 7.96
CA THR F 84 11.02 25.34 7.34
C THR F 84 10.42 24.10 6.71
N VAL F 85 9.23 23.71 7.14
CA VAL F 85 8.55 22.58 6.51
C VAL F 85 8.12 23.01 5.11
N THR F 86 8.55 22.26 4.10
CA THR F 86 8.23 22.56 2.72
C THR F 86 7.04 21.74 2.26
N ALA F 87 6.42 22.13 1.15
CA ALA F 87 5.30 21.36 0.59
C ALA F 87 5.74 19.97 0.14
N MET F 88 7.00 19.82 -0.27
CA MET F 88 7.55 18.52 -0.64
C MET F 88 7.67 17.59 0.57
N ASP F 89 8.03 18.06 1.76
CA ASP F 89 7.99 17.22 2.95
C ASP F 89 6.60 16.64 3.16
N VAL F 90 5.58 17.49 3.06
CA VAL F 90 4.20 17.04 3.24
C VAL F 90 3.84 16.01 2.18
N VAL F 91 4.14 16.31 0.92
CA VAL F 91 3.83 15.40 -0.18
C VAL F 91 4.44 14.03 0.11
N TYR F 92 5.72 14.02 0.50
CA TYR F 92 6.41 12.76 0.78
C TYR F 92 5.73 12.02 1.93
N ALA F 93 5.41 12.74 3.02
CA ALA F 93 4.78 12.10 4.16
C ALA F 93 3.48 11.42 3.73
N LEU F 94 2.66 12.14 2.96
CA LEU F 94 1.41 11.58 2.47
C LEU F 94 1.68 10.36 1.61
N LYS F 95 2.68 10.46 0.73
CA LYS F 95 3.00 9.38 -0.20
C LYS F 95 3.32 8.11 0.56
N ARG F 96 4.13 8.21 1.61
CA ARG F 96 4.57 7.00 2.30
C ARG F 96 3.45 6.37 3.11
N GLN F 97 2.42 7.15 3.47
CA GLN F 97 1.23 6.67 4.16
C GLN F 97 0.16 6.15 3.19
N GLY F 98 0.46 6.07 1.89
CA GLY F 98 -0.53 5.61 0.93
C GLY F 98 -1.65 6.60 0.66
N ARG F 99 -1.38 7.90 0.84
CA ARG F 99 -2.37 8.93 0.57
C ARG F 99 -1.80 9.95 -0.41
N THR F 100 -1.34 9.45 -1.56
CA THR F 100 -0.70 10.28 -2.57
C THR F 100 -1.55 11.51 -2.90
N LEU F 101 -0.91 12.68 -2.90
CA LEU F 101 -1.58 13.93 -3.21
C LEU F 101 -1.02 14.49 -4.51
N TYR F 102 -1.92 14.82 -5.43
CA TYR F 102 -1.52 15.40 -6.74
C TYR F 102 -1.78 16.90 -6.73
N GLY F 103 -0.87 17.69 -7.30
CA GLY F 103 -1.05 19.12 -7.45
C GLY F 103 -0.03 19.98 -6.76
N PHE F 104 0.85 19.43 -5.95
CA PHE F 104 1.81 20.22 -5.18
C PHE F 104 3.24 19.78 -5.44
N GLY F 105 3.54 19.44 -6.69
CA GLY F 105 4.88 19.05 -7.16
C GLY F 105 5.18 17.54 -7.08
N GLY F 106 4.17 16.68 -7.08
CA GLY F 106 4.36 15.24 -6.92
C GLY F 106 3.29 14.58 -6.08
N ALA G 14 53.82 -10.48 7.08
CA ALA G 14 52.56 -11.10 7.43
C ALA G 14 51.55 -10.07 7.92
N ARG G 15 50.40 -10.02 7.27
CA ARG G 15 49.33 -9.09 7.63
C ARG G 15 48.67 -9.54 8.93
N ALA G 16 47.69 -8.76 9.38
CA ALA G 16 47.00 -9.05 10.63
C ALA G 16 45.89 -10.06 10.42
N LYS G 17 45.55 -10.81 11.49
CA LYS G 17 44.47 -11.79 11.48
C LYS G 17 43.16 -11.14 11.08
N ALA G 18 42.42 -11.79 10.18
CA ALA G 18 41.17 -11.25 9.67
C ALA G 18 40.16 -11.11 10.80
N LYS G 19 39.66 -9.90 11.01
CA LYS G 19 38.64 -9.63 12.02
C LYS G 19 37.36 -9.21 11.32
N THR G 20 36.29 -9.97 11.55
CA THR G 20 35.03 -9.69 10.88
C THR G 20 34.46 -8.36 11.37
N ARG G 21 33.74 -7.65 10.49
CA ARG G 21 33.13 -6.39 10.89
C ARG G 21 32.00 -6.62 11.89
N SER G 22 31.39 -7.82 11.93
CA SER G 22 30.42 -8.12 12.96
C SER G 22 31.05 -8.13 14.34
N SER G 23 32.19 -8.83 14.48
CA SER G 23 32.87 -8.91 15.76
C SER G 23 33.39 -7.54 16.20
N ARG G 24 33.86 -6.73 15.25
CA ARG G 24 34.32 -5.40 15.62
C ARG G 24 33.19 -4.55 16.18
N ALA G 25 31.99 -4.66 15.61
CA ALA G 25 30.80 -3.95 16.05
C ALA G 25 30.07 -4.64 17.21
N GLY G 26 30.48 -5.85 17.64
CA GLY G 26 29.79 -6.61 18.66
C GLY G 26 28.41 -7.06 18.25
N LEU G 27 28.25 -7.51 17.01
CA LEU G 27 26.99 -7.89 16.36
C LEU G 27 27.02 -9.36 15.98
N GLN G 28 25.87 -10.02 15.95
CA GLN G 28 25.78 -11.39 15.44
C GLN G 28 25.45 -11.42 13.95
N PHE G 29 24.80 -10.39 13.44
CA PHE G 29 24.42 -10.30 12.04
C PHE G 29 25.63 -9.95 11.17
N PRO G 30 25.65 -10.40 9.91
CA PRO G 30 26.80 -10.29 9.03
C PRO G 30 26.89 -8.88 8.42
N VAL G 31 27.82 -8.05 8.91
CA VAL G 31 27.96 -6.70 8.37
C VAL G 31 28.44 -6.76 6.92
N GLY G 32 29.42 -7.62 6.66
CA GLY G 32 29.94 -7.72 5.30
C GLY G 32 28.87 -8.09 4.29
N ARG G 33 28.03 -9.06 4.64
CA ARG G 33 26.94 -9.46 3.75
C ARG G 33 25.97 -8.31 3.56
N VAL G 34 25.58 -7.63 4.65
CA VAL G 34 24.67 -6.51 4.52
C VAL G 34 25.24 -5.47 3.58
N HIS G 35 26.54 -5.18 3.72
CA HIS G 35 27.20 -4.22 2.84
C HIS G 35 27.10 -4.65 1.40
N ARG G 36 27.41 -5.92 1.12
CA ARG G 36 27.35 -6.40 -0.25
C ARG G 36 25.93 -6.27 -0.80
N LEU G 37 24.93 -6.65 0.00
CA LEU G 37 23.55 -6.59 -0.45
C LEU G 37 23.13 -5.16 -0.74
N LEU G 38 23.63 -4.20 0.06
CA LEU G 38 23.33 -2.80 -0.19
C LEU G 38 23.99 -2.32 -1.48
N ARG G 39 25.27 -2.66 -1.69
CA ARG G 39 25.97 -2.17 -2.86
C ARG G 39 25.39 -2.72 -4.15
N LYS G 40 24.89 -3.97 -4.12
CA LYS G 40 24.41 -4.63 -5.32
C LYS G 40 22.89 -4.65 -5.43
N GLY G 41 22.20 -3.89 -4.57
CA GLY G 41 20.75 -3.89 -4.54
C GLY G 41 20.12 -2.71 -5.26
N ASN G 42 20.91 -1.94 -6.00
CA ASN G 42 20.43 -0.78 -6.74
C ASN G 42 19.68 0.19 -5.84
N TYR G 43 20.33 0.59 -4.75
CA TYR G 43 19.75 1.56 -3.83
C TYR G 43 20.36 2.94 -3.98
N SER G 44 21.68 3.04 -4.09
CA SER G 44 22.35 4.32 -4.26
C SER G 44 23.66 4.09 -5.01
N GLU G 45 24.31 5.19 -5.37
CA GLU G 45 25.60 5.10 -6.03
C GLU G 45 26.70 4.66 -5.07
N ARG G 46 26.72 5.23 -3.87
CA ARG G 46 27.75 4.96 -2.88
C ARG G 46 27.09 4.52 -1.58
N VAL G 47 27.82 3.76 -0.77
CA VAL G 47 27.32 3.31 0.52
C VAL G 47 28.35 3.65 1.59
N GLY G 48 27.92 4.39 2.61
CA GLY G 48 28.80 4.76 3.69
C GLY G 48 29.27 3.55 4.48
N ALA G 49 30.37 3.75 5.22
CA ALA G 49 30.94 2.66 5.99
C ALA G 49 30.06 2.29 7.18
N GLY G 50 29.32 3.26 7.72
CA GLY G 50 28.48 3.04 8.89
C GLY G 50 27.12 2.45 8.57
N ALA G 51 26.66 2.59 7.34
CA ALA G 51 25.34 2.12 6.96
C ALA G 51 25.15 0.63 7.23
N PRO G 52 26.00 -0.26 6.73
CA PRO G 52 25.82 -1.69 7.05
C PRO G 52 25.84 -1.97 8.53
N VAL G 53 26.71 -1.31 9.30
CA VAL G 53 26.75 -1.53 10.74
C VAL G 53 25.40 -1.17 11.37
N TYR G 54 24.90 0.01 11.05
CA TYR G 54 23.62 0.45 11.60
C TYR G 54 22.50 -0.51 11.21
N LEU G 55 22.41 -0.84 9.93
CA LEU G 55 21.34 -1.70 9.47
C LEU G 55 21.41 -3.05 10.17
N ALA G 56 22.61 -3.64 10.23
CA ALA G 56 22.78 -4.94 10.87
C ALA G 56 22.33 -4.87 12.32
N ALA G 57 22.70 -3.80 13.04
CA ALA G 57 22.32 -3.69 14.44
C ALA G 57 20.81 -3.62 14.57
N VAL G 58 20.14 -2.86 13.71
CA VAL G 58 18.69 -2.73 13.77
C VAL G 58 18.04 -4.09 13.52
N LEU G 59 18.46 -4.75 12.45
CA LEU G 59 17.93 -6.08 12.13
C LEU G 59 18.11 -7.03 13.30
N GLU G 60 19.30 -7.04 13.89
CA GLU G 60 19.56 -7.91 15.03
C GLU G 60 18.60 -7.61 16.16
N TYR G 61 18.42 -6.33 16.49
CA TYR G 61 17.53 -5.97 17.59
C TYR G 61 16.13 -6.49 17.33
N LEU G 62 15.61 -6.26 16.12
CA LEU G 62 14.25 -6.68 15.81
C LEU G 62 14.12 -8.19 15.91
N THR G 63 15.10 -8.92 15.37
CA THR G 63 15.07 -10.38 15.43
C THR G 63 15.08 -10.84 16.88
N ALA G 64 15.97 -10.27 17.70
CA ALA G 64 16.02 -10.63 19.11
C ALA G 64 14.67 -10.44 19.76
N GLU G 65 14.04 -9.28 19.53
CA GLU G 65 12.74 -9.00 20.12
C GLU G 65 11.72 -10.09 19.76
N ILE G 66 11.58 -10.33 18.45
CA ILE G 66 10.59 -11.31 18.00
C ILE G 66 10.88 -12.67 18.60
N LEU G 67 12.14 -13.10 18.52
CA LEU G 67 12.52 -14.42 19.02
C LEU G 67 12.22 -14.55 20.51
N GLU G 68 12.52 -13.50 21.27
CA GLU G 68 12.26 -13.51 22.72
C GLU G 68 10.78 -13.70 22.99
N LEU G 69 9.93 -12.95 22.29
CA LEU G 69 8.50 -13.07 22.54
C LEU G 69 7.99 -14.44 22.11
N ALA G 70 8.54 -14.99 21.03
CA ALA G 70 8.08 -16.29 20.58
C ALA G 70 8.54 -17.38 21.54
N GLY G 71 9.76 -17.27 22.05
CA GLY G 71 10.23 -18.22 23.04
C GLY G 71 9.39 -18.17 24.29
N ASN G 72 8.99 -16.97 24.71
CA ASN G 72 8.12 -16.85 25.87
C ASN G 72 6.79 -17.57 25.61
N ALA G 73 6.20 -17.35 24.44
CA ALA G 73 4.94 -18.03 24.12
C ALA G 73 5.13 -19.54 24.11
N ALA G 74 6.24 -20.02 23.55
CA ALA G 74 6.51 -21.46 23.54
C ALA G 74 6.61 -21.99 24.96
N ARG G 75 7.37 -21.32 25.82
CA ARG G 75 7.55 -21.70 27.22
C ARG G 75 6.21 -21.69 27.95
N ASP G 76 5.32 -20.75 27.61
CA ASP G 76 4.00 -20.72 28.21
C ASP G 76 3.16 -21.90 27.73
N ASN G 77 3.46 -22.43 26.54
CA ASN G 77 2.75 -23.58 26.01
C ASN G 77 3.48 -24.89 26.30
N LYS G 78 4.44 -24.86 27.23
CA LYS G 78 5.22 -26.04 27.61
C LYS G 78 5.92 -26.69 26.42
N LYS G 79 6.32 -25.87 25.44
CA LYS G 79 7.02 -26.36 24.26
C LYS G 79 8.46 -25.86 24.27
N THR G 80 9.36 -26.63 23.69
CA THR G 80 10.81 -26.37 23.58
C THR G 80 11.19 -25.83 22.21
N ARG G 81 10.31 -25.90 21.19
CA ARG G 81 10.63 -25.47 19.84
C ARG G 81 9.64 -24.42 19.38
N ILE G 82 10.15 -23.36 18.75
CA ILE G 82 9.30 -22.30 18.23
C ILE G 82 8.66 -22.75 16.92
N ILE G 83 7.35 -22.55 16.80
CA ILE G 83 6.64 -22.86 15.56
C ILE G 83 5.98 -21.60 15.03
N PRO G 84 5.51 -21.59 13.78
CA PRO G 84 4.81 -20.39 13.27
C PRO G 84 3.71 -19.88 14.19
N ARG G 85 3.00 -20.79 14.87
CA ARG G 85 1.96 -20.37 15.80
C ARG G 85 2.51 -19.42 16.85
N HIS G 86 3.63 -19.77 17.47
CA HIS G 86 4.22 -18.93 18.51
C HIS G 86 4.58 -17.56 17.95
N LEU G 87 5.12 -17.52 16.74
CA LEU G 87 5.46 -16.24 16.12
C LEU G 87 4.22 -15.39 15.92
N GLN G 88 3.14 -16.00 15.41
CA GLN G 88 1.90 -15.26 15.20
C GLN G 88 1.40 -14.70 16.53
N LEU G 89 1.39 -15.54 17.57
CA LEU G 89 0.95 -15.10 18.89
C LEU G 89 1.78 -13.92 19.36
N ALA G 90 3.10 -14.02 19.25
CA ALA G 90 3.99 -12.96 19.72
C ALA G 90 3.73 -11.66 18.97
N ILE G 91 3.54 -11.74 17.65
CA ILE G 91 3.39 -10.53 16.84
C ILE G 91 2.04 -9.88 17.09
N ARG G 92 0.95 -10.65 17.06
CA ARG G 92 -0.40 -10.08 17.17
C ARG G 92 -0.74 -9.64 18.58
N ASN G 93 -0.01 -10.07 19.59
CA ASN G 93 -0.27 -9.67 20.97
C ASN G 93 0.51 -8.42 21.37
N ASP G 94 1.40 -7.90 20.53
CA ASP G 94 2.13 -6.67 20.80
C ASP G 94 1.66 -5.62 19.80
N GLU G 95 1.08 -4.53 20.29
CA GLU G 95 0.52 -3.47 19.45
C GLU G 95 1.56 -2.98 18.43
N GLU G 96 2.79 -2.74 18.88
CA GLU G 96 3.80 -2.17 18.01
C GLU G 96 4.22 -3.17 16.94
N LEU G 97 4.56 -4.41 17.30
CA LEU G 97 4.92 -5.42 16.30
C LEU G 97 3.74 -5.72 15.38
N ASN G 98 2.51 -5.71 15.90
CA ASN G 98 1.36 -5.92 15.03
C ASN G 98 1.26 -4.81 14.00
N LYS G 99 1.46 -3.57 14.44
CA LYS G 99 1.40 -2.43 13.52
C LYS G 99 2.47 -2.56 12.45
N LEU G 100 3.71 -2.86 12.86
CA LEU G 100 4.80 -3.00 11.90
C LEU G 100 4.47 -4.06 10.85
N LEU G 101 3.93 -5.20 11.28
CA LEU G 101 3.63 -6.33 10.41
C LEU G 101 2.12 -6.43 10.17
N GLY G 102 1.47 -5.28 10.00
CA GLY G 102 0.03 -5.27 9.83
C GLY G 102 -0.42 -6.01 8.58
N ARG G 103 0.18 -5.70 7.44
CA ARG G 103 -0.22 -6.29 6.16
C ARG G 103 0.59 -7.53 5.82
N VAL G 104 1.00 -8.31 6.81
CA VAL G 104 1.82 -9.52 6.63
C VAL G 104 1.05 -10.73 7.09
N THR G 105 1.09 -11.81 6.31
CA THR G 105 0.45 -13.07 6.64
C THR G 105 1.52 -14.08 7.03
N ILE G 106 1.43 -14.60 8.24
CA ILE G 106 2.34 -15.64 8.73
C ILE G 106 1.74 -16.99 8.34
N ALA G 107 2.43 -17.71 7.47
CA ALA G 107 1.98 -19.04 7.07
C ALA G 107 1.84 -19.95 8.28
N GLN G 108 0.77 -20.72 8.31
CA GLN G 108 0.51 -21.66 9.41
C GLN G 108 0.51 -20.95 10.77
N GLY G 109 0.07 -19.70 10.79
CA GLY G 109 0.00 -18.96 12.03
C GLY G 109 -1.35 -18.97 12.72
N GLY G 110 -2.42 -19.15 11.95
CA GLY G 110 -3.75 -19.12 12.55
C GLY G 110 -4.10 -17.69 12.95
N VAL G 111 -5.07 -17.58 13.87
CA VAL G 111 -5.55 -16.28 14.31
C VAL G 111 -5.58 -16.27 15.84
N LEU G 112 -5.76 -15.09 16.41
CA LEU G 112 -5.88 -14.91 17.86
C LEU G 112 -7.30 -15.28 18.30
N PRO G 113 -7.50 -16.10 19.35
CA PRO G 113 -8.84 -16.40 19.86
C PRO G 113 -9.61 -15.14 20.24
N ASN G 114 -10.67 -14.83 19.49
CA ASN G 114 -11.44 -13.62 19.75
C ASN G 114 -12.90 -13.89 19.39
N ILE G 115 -13.78 -13.87 20.37
CA ILE G 115 -15.21 -14.02 20.15
C ILE G 115 -15.91 -12.76 20.63
N GLN G 116 -16.75 -12.19 19.77
CA GLN G 116 -17.49 -11.00 20.14
C GLN G 116 -18.34 -11.25 21.38
N ALA G 117 -18.38 -10.26 22.27
CA ALA G 117 -19.10 -10.42 23.53
C ALA G 117 -20.59 -10.65 23.30
N VAL G 118 -21.14 -10.08 22.23
CA VAL G 118 -22.58 -10.20 21.99
C VAL G 118 -22.99 -11.62 21.62
N LEU G 119 -22.04 -12.46 21.20
CA LEU G 119 -22.36 -13.81 20.78
C LEU G 119 -22.40 -14.80 21.93
N LEU G 120 -21.82 -14.45 23.07
CA LEU G 120 -21.74 -15.38 24.19
C LEU G 120 -23.15 -15.67 24.73
N PRO G 121 -23.38 -16.90 25.23
CA PRO G 121 -24.69 -17.34 25.70
C PRO G 121 -25.33 -16.37 26.68
N ARG H 35 23.81 -28.51 -5.57
CA ARG H 35 25.02 -27.86 -5.10
C ARG H 35 24.85 -26.34 -5.03
N SER H 36 23.96 -25.81 -5.86
CA SER H 36 23.70 -24.37 -5.87
C SER H 36 23.50 -23.85 -4.47
N ARG H 37 24.40 -22.95 -4.06
CA ARG H 37 24.39 -22.31 -2.73
C ARG H 37 23.34 -21.21 -2.69
N LYS H 38 22.43 -21.27 -1.70
CA LYS H 38 21.46 -20.20 -1.46
C LYS H 38 21.74 -19.60 -0.09
N GLU H 39 22.21 -18.35 -0.07
CA GLU H 39 22.50 -17.69 1.19
C GLU H 39 21.22 -17.41 1.96
N SER H 40 21.34 -17.41 3.29
CA SER H 40 20.20 -17.13 4.15
C SER H 40 20.73 -16.62 5.49
N TYR H 41 19.82 -16.11 6.32
CA TYR H 41 20.15 -15.57 7.62
C TYR H 41 19.97 -16.60 8.73
N SER H 42 19.82 -17.88 8.38
CA SER H 42 19.56 -18.91 9.38
C SER H 42 20.58 -18.90 10.51
N ILE H 43 21.86 -18.93 10.17
CA ILE H 43 22.91 -18.99 11.19
C ILE H 43 22.77 -17.86 12.20
N TYR H 44 22.52 -16.65 11.74
CA TYR H 44 22.45 -15.47 12.58
C TYR H 44 21.16 -15.43 13.41
N VAL H 45 20.02 -15.83 12.84
CA VAL H 45 18.77 -15.99 13.59
C VAL H 45 18.95 -17.04 14.68
N TYR H 46 19.67 -18.12 14.43
CA TYR H 46 19.90 -19.15 15.44
C TYR H 46 20.81 -18.63 16.54
N LYS H 47 21.90 -17.94 16.16
CA LYS H 47 22.80 -17.35 17.15
C LYS H 47 22.02 -16.45 18.11
N VAL H 48 21.20 -15.57 17.56
CA VAL H 48 20.44 -14.64 18.40
C VAL H 48 19.50 -15.42 19.31
N LEU H 49 18.83 -16.43 18.76
CA LEU H 49 17.93 -17.24 19.57
C LEU H 49 18.69 -17.86 20.74
N LYS H 50 19.88 -18.40 20.46
CA LYS H 50 20.66 -19.05 21.50
C LYS H 50 21.10 -18.04 22.53
N GLN H 51 21.20 -16.77 22.14
CA GLN H 51 21.56 -15.73 23.10
C GLN H 51 20.38 -15.38 24.00
N VAL H 52 19.19 -15.28 23.43
CA VAL H 52 18.02 -14.86 24.20
C VAL H 52 17.34 -16.03 24.88
N HIS H 53 17.45 -17.24 24.33
CA HIS H 53 16.80 -18.43 24.88
C HIS H 53 17.72 -19.62 24.65
N PRO H 54 18.70 -19.82 25.53
CA PRO H 54 19.68 -20.89 25.31
C PRO H 54 19.08 -22.28 25.15
N ASP H 55 17.94 -22.57 25.76
CA ASP H 55 17.38 -23.92 25.73
C ASP H 55 16.24 -24.08 24.75
N THR H 56 16.00 -23.08 23.90
CA THR H 56 14.87 -23.07 22.97
C THR H 56 15.38 -23.25 21.55
N GLY H 57 14.79 -24.18 20.82
CA GLY H 57 15.15 -24.39 19.43
C GLY H 57 14.14 -23.73 18.50
N ILE H 58 14.19 -24.13 17.23
CA ILE H 58 13.32 -23.52 16.24
C ILE H 58 13.10 -24.50 15.09
N SER H 59 11.87 -24.55 14.60
CA SER H 59 11.48 -25.41 13.50
C SER H 59 11.95 -24.81 12.17
N SER H 60 12.00 -25.65 11.14
CA SER H 60 12.38 -25.17 9.82
C SER H 60 11.38 -24.13 9.31
N LYS H 61 10.08 -24.34 9.53
CA LYS H 61 9.07 -23.38 9.08
C LYS H 61 9.22 -22.06 9.81
N ALA H 62 9.55 -22.06 11.11
CA ALA H 62 9.79 -20.80 11.81
C ALA H 62 11.05 -20.13 11.28
N MET H 63 12.09 -20.89 10.96
CA MET H 63 13.30 -20.34 10.36
C MET H 63 13.00 -19.68 9.03
N GLY H 64 12.15 -20.28 8.20
CA GLY H 64 11.74 -19.65 6.95
C GLY H 64 11.00 -18.35 7.20
N ILE H 65 10.07 -18.33 8.18
CA ILE H 65 9.35 -17.11 8.59
C ILE H 65 10.36 -16.04 8.99
N MET H 66 11.35 -16.35 9.83
CA MET H 66 12.33 -15.37 10.28
C MET H 66 13.21 -14.87 9.12
N ASN H 67 13.54 -15.71 8.15
CA ASN H 67 14.27 -15.26 6.97
C ASN H 67 13.44 -14.28 6.16
N SER H 68 12.19 -14.64 5.88
CA SER H 68 11.31 -13.73 5.15
C SER H 68 11.20 -12.39 5.88
N PHE H 69 11.06 -12.43 7.20
CA PHE H 69 10.93 -11.22 7.99
C PHE H 69 12.15 -10.33 7.80
N VAL H 70 13.35 -10.91 7.99
CA VAL H 70 14.61 -10.18 7.91
C VAL H 70 14.79 -9.59 6.52
N ASN H 71 14.47 -10.33 5.46
CA ASN H 71 14.57 -9.82 4.10
C ASN H 71 13.61 -8.65 3.90
N ASP H 72 12.35 -8.77 4.34
CA ASP H 72 11.33 -7.73 4.19
C ASP H 72 11.75 -6.44 4.89
N ILE H 73 12.10 -6.50 6.17
CA ILE H 73 12.57 -5.32 6.90
C ILE H 73 13.82 -4.72 6.25
N PHE H 74 14.79 -5.52 5.82
CA PHE H 74 15.96 -5.02 5.08
C PHE H 74 15.50 -4.18 3.90
N GLU H 75 14.65 -4.71 3.01
CA GLU H 75 14.27 -3.98 1.79
C GLU H 75 13.36 -2.77 2.06
N ARG H 76 12.57 -2.78 3.15
CA ARG H 76 11.86 -1.56 3.60
C ARG H 76 12.86 -0.48 4.02
N ILE H 77 13.81 -0.79 4.89
CA ILE H 77 14.75 0.20 5.40
C ILE H 77 15.61 0.73 4.25
N ALA H 78 16.21 -0.17 3.47
CA ALA H 78 17.09 0.26 2.40
C ALA H 78 16.34 1.14 1.41
N GLY H 79 15.11 0.76 1.07
CA GLY H 79 14.32 1.54 0.13
C GLY H 79 14.01 2.93 0.65
N GLU H 80 13.66 3.03 1.93
CA GLU H 80 13.41 4.35 2.50
C GLU H 80 14.69 5.18 2.51
N ALA H 81 15.81 4.57 2.91
CA ALA H 81 17.07 5.31 2.90
C ALA H 81 17.39 5.80 1.49
N SER H 82 17.13 4.96 0.49
CA SER H 82 17.38 5.35 -0.90
C SER H 82 16.52 6.56 -1.27
N ARG H 83 15.23 6.51 -0.94
CA ARG H 83 14.37 7.64 -1.25
C ARG H 83 14.89 8.90 -0.56
N LEU H 84 15.21 8.80 0.73
CA LEU H 84 15.71 9.97 1.45
C LEU H 84 16.91 10.56 0.73
N ALA H 85 17.89 9.71 0.39
CA ALA H 85 19.08 10.17 -0.32
C ALA H 85 18.71 10.88 -1.61
N HIS H 86 17.84 10.26 -2.41
CA HIS H 86 17.44 10.83 -3.70
C HIS H 86 16.77 12.18 -3.53
N TYR H 87 15.87 12.31 -2.55
CA TYR H 87 15.17 13.57 -2.34
C TYR H 87 16.14 14.72 -2.10
N ASN H 88 17.24 14.46 -1.42
CA ASN H 88 18.19 15.50 -1.06
C ASN H 88 19.35 15.58 -2.05
N LYS H 89 19.21 14.94 -3.22
CA LYS H 89 20.20 14.98 -4.28
C LYS H 89 21.58 14.54 -3.78
N ARG H 90 21.61 13.48 -2.95
CA ARG H 90 22.82 12.81 -2.43
C ARG H 90 23.04 11.52 -3.18
N SER H 91 24.28 11.09 -3.33
CA SER H 91 24.62 9.82 -3.95
C SER H 91 25.09 8.75 -2.96
N THR H 92 25.29 9.10 -1.69
CA THR H 92 25.77 8.17 -0.67
C THR H 92 24.70 7.89 0.38
N ILE H 93 24.52 6.62 0.73
CA ILE H 93 23.67 6.21 1.84
C ILE H 93 24.54 6.08 3.08
N THR H 94 24.33 6.93 4.07
CA THR H 94 25.13 6.94 5.28
C THR H 94 24.29 6.50 6.48
N SER H 95 24.91 6.50 7.66
CA SER H 95 24.20 6.10 8.88
C SER H 95 23.05 7.05 9.17
N ARG H 96 23.15 8.30 8.74
CA ARG H 96 22.06 9.25 8.96
C ARG H 96 20.81 8.83 8.20
N GLU H 97 20.98 8.41 6.94
CA GLU H 97 19.84 7.97 6.17
C GLU H 97 19.19 6.75 6.81
N ILE H 98 20.00 5.81 7.28
CA ILE H 98 19.46 4.62 7.92
C ILE H 98 18.68 5.02 9.16
N GLN H 99 19.26 5.88 9.98
CA GLN H 99 18.59 6.31 11.21
C GLN H 99 17.24 6.93 10.90
N THR H 100 17.20 7.84 9.93
CA THR H 100 15.94 8.49 9.58
C THR H 100 14.93 7.47 9.08
N ALA H 101 15.36 6.54 8.22
CA ALA H 101 14.52 5.48 7.71
C ALA H 101 13.96 4.61 8.85
N VAL H 102 14.75 4.35 9.88
CA VAL H 102 14.29 3.60 11.05
C VAL H 102 13.22 4.40 11.78
N ARG H 103 13.46 5.70 11.96
CA ARG H 103 12.48 6.54 12.66
C ARG H 103 11.17 6.57 11.90
N LEU H 104 11.23 6.58 10.57
CA LEU H 104 10.03 6.69 9.75
C LEU H 104 9.25 5.39 9.73
N LEU H 105 9.93 4.24 9.71
CA LEU H 105 9.33 2.91 9.56
C LEU H 105 8.91 2.30 10.89
N LEU H 106 9.81 2.24 11.87
CA LEU H 106 9.50 1.51 13.10
C LEU H 106 8.56 2.34 13.98
N PRO H 107 7.47 1.74 14.46
CA PRO H 107 6.51 2.50 15.27
C PRO H 107 6.89 2.63 16.74
N GLY H 108 6.69 3.83 17.27
CA GLY H 108 6.87 4.10 18.68
C GLY H 108 8.20 3.70 19.29
N GLU H 109 8.13 2.96 20.40
CA GLU H 109 9.32 2.62 21.14
C GLU H 109 10.24 1.70 20.37
N LEU H 110 9.73 0.95 19.40
CA LEU H 110 10.61 0.14 18.59
C LEU H 110 11.70 1.02 18.00
N ALA H 111 11.33 2.13 17.35
CA ALA H 111 12.28 3.10 16.80
C ALA H 111 13.22 3.69 17.85
N LYS H 112 12.73 4.00 19.05
CA LYS H 112 13.58 4.48 20.14
C LYS H 112 14.65 3.44 20.48
N HIS H 113 14.29 2.17 20.61
CA HIS H 113 15.33 1.20 20.96
C HIS H 113 16.20 0.87 19.77
N ALA H 114 15.61 0.74 18.58
CA ALA H 114 16.41 0.40 17.41
C ALA H 114 17.48 1.44 17.15
N VAL H 115 17.12 2.72 17.25
CA VAL H 115 18.11 3.75 17.02
C VAL H 115 19.24 3.62 18.03
N SER H 116 18.86 3.43 19.31
CA SER H 116 19.88 3.24 20.32
C SER H 116 20.82 2.11 19.93
N GLU H 117 20.24 0.96 19.55
CA GLU H 117 21.09 -0.17 19.20
C GLU H 117 22.02 0.22 18.05
N GLY H 118 21.46 0.79 17.00
CA GLY H 118 22.29 1.16 15.87
C GLY H 118 23.39 2.11 16.28
N THR H 119 23.05 3.10 17.10
CA THR H 119 24.07 4.07 17.46
C THR H 119 25.18 3.38 18.24
N LYS H 120 24.81 2.53 19.20
CA LYS H 120 25.84 1.86 19.96
C LYS H 120 26.77 1.10 19.04
N ALA H 121 26.20 0.37 18.08
CA ALA H 121 27.05 -0.43 17.21
C ALA H 121 28.02 0.47 16.45
N VAL H 122 27.51 1.56 15.88
CA VAL H 122 28.40 2.42 15.12
C VAL H 122 29.50 2.95 16.03
N THR H 123 29.14 3.40 17.23
CA THR H 123 30.16 3.90 18.13
C THR H 123 31.20 2.81 18.37
N LYS H 124 30.75 1.61 18.71
CA LYS H 124 31.71 0.53 18.97
C LYS H 124 32.55 0.28 17.73
N TYR H 125 31.91 0.28 16.56
CA TYR H 125 32.64 0.01 15.33
C TYR H 125 33.69 1.09 15.08
N THR H 126 33.32 2.36 15.32
CA THR H 126 34.24 3.46 15.02
C THR H 126 35.48 3.44 15.91
N SER H 127 35.39 2.88 17.11
CA SER H 127 36.53 2.75 17.99
C SER H 127 37.22 1.39 17.84
N ALA H 128 36.87 0.61 16.84
CA ALA H 128 37.47 -0.70 16.59
C ALA H 128 37.55 -1.53 17.87
#